data_3WLK
#
_entry.id   3WLK
#
_cell.length_a   100.564
_cell.length_b   100.564
_cell.length_c   181.758
_cell.angle_alpha   90.00
_cell.angle_beta   90.00
_cell.angle_gamma   90.00
#
_symmetry.space_group_name_H-M   'P 43 21 2'
#
loop_
_entity.id
_entity.type
_entity.pdbx_description
1 polymer 'Beta-D-glucan exohydrolase isoenzyme ExoI'
2 branched beta-D-mannopyranose-(1-4)-2-acetamido-2-deoxy-beta-D-glucopyranose-(1-4)-2-acetamido-2-deoxy-beta-D-glucopyranose
3 branched 2-acetamido-2-deoxy-beta-D-glucopyranose-(1-2)-alpha-D-mannopyranose-(1-6)-beta-D-mannopyranose-(1-4)-2-acetamido-2-deoxy-beta-D-glucopyranose-(1-4)-2-acetamido-2-deoxy-beta-D-glucopyranose
4 branched beta-D-xylopyranose-(1-2)-beta-D-mannopyranose-(1-4)-2-acetamido-2-deoxy-beta-D-glucopyranose-(1-4)-[beta-L-fucopyranose-(1-3)]2-acetamido-2-deoxy-beta-D-glucopyranose
5 non-polymer beta-D-glucopyranose
6 non-polymer GLYCEROL
7 non-polymer 'SULFATE ION'
8 water water
#
_entity_poly.entity_id   1
_entity_poly.type   'polypeptide(L)'
_entity_poly.pdbx_seq_one_letter_code
;DYVLYKDATKPVEDRVADLLGRMTLAEKIGQMTQIERLVATPDVLRDNFIGSLLSGGGSVPRKGATAKEWQDMVDGFQKA
CMSTRLGIPMIYGIDAVHGQNNVYGATIFPHNVGLGATRDPYLVKRIGEATALEVRATGIQYAFAPCIAVCRDPRWGRCY
ESYSEDRRIVQSMTELIPGLQGDVPKDFTSGMPFVAGKNKVAACAKHFVGDGGTVDGINENNTIINREGLMNIHMPAYKN
AMDKGVSTVMISYSSWNGVKMHANQDLVTGYLKDTLKFKGFVISDWEGIDRITTPAGSDYSYSVKASILAGLDMIMVPNK
YQQFISILTGHVNGGVIPMSRIDDAVTRILRVKFTMGLFENPYADPAMAEQLGKQEHRDLAREAARKSLVLLKNGKTSTD
APLLPLPKKAPKILVAGSHADNLGYQCGGWTIEWQGDTGRTTVGTTILEAVKAAVDPSTVVVFAENPDAEFVKSGGFSYA
IVAVGEHPYTETKGDNLNLTIPEPGLSTVQAVCGGVRCATVLISGRPVVVQPLLAASDALVAAWLPGSEGQGVTDALFGD
FGFTGRLPRTWFKSVDQLPMNVGDAHYDPLFRLGYGLTTNATKKY
;
_entity_poly.pdbx_strand_id   X
#
loop_
_chem_comp.id
_chem_comp.type
_chem_comp.name
_chem_comp.formula
BGC D-saccharide, beta linking beta-D-glucopyranose 'C6 H12 O6'
BMA D-saccharide, beta linking beta-D-mannopyranose 'C6 H12 O6'
FUL L-saccharide, beta linking beta-L-fucopyranose 'C6 H12 O5'
GOL non-polymer GLYCEROL 'C3 H8 O3'
MAN D-saccharide, alpha linking alpha-D-mannopyranose 'C6 H12 O6'
NAG D-saccharide, beta linking 2-acetamido-2-deoxy-beta-D-glucopyranose 'C8 H15 N O6'
SO4 non-polymer 'SULFATE ION' 'O4 S -2'
XYP D-saccharide, beta linking beta-D-xylopyranose 'C5 H10 O5'
#
# COMPACT_ATOMS: atom_id res chain seq x y z
N ASP A 1 -1.73 45.13 -9.09
CA ASP A 1 -1.60 45.34 -7.62
C ASP A 1 -1.04 44.07 -6.95
N TYR A 2 -0.95 44.12 -5.62
CA TYR A 2 -0.46 43.01 -4.82
C TYR A 2 -1.39 41.81 -4.94
N VAL A 3 -0.80 40.62 -5.10
CA VAL A 3 -1.56 39.38 -5.27
C VAL A 3 -1.33 38.47 -4.07
N LEU A 4 -2.29 38.46 -3.15
CA LEU A 4 -2.14 37.81 -1.85
C LEU A 4 -1.81 36.32 -1.93
N TYR A 5 -2.46 35.57 -2.84
CA TYR A 5 -2.24 34.13 -2.88
C TYR A 5 -0.80 33.75 -3.22
N LYS A 6 -0.09 34.67 -3.89
CA LYS A 6 1.30 34.44 -4.31
C LYS A 6 2.29 34.75 -3.18
N ASP A 7 1.80 35.34 -2.09
CA ASP A 7 2.64 35.74 -0.95
C ASP A 7 2.82 34.60 0.07
N ALA A 8 4.00 33.98 0.06
CA ALA A 8 4.35 32.86 0.93
C ALA A 8 4.26 33.14 2.44
N THR A 9 4.25 34.43 2.81
CA THR A 9 4.20 34.84 4.22
C THR A 9 2.78 34.91 4.80
N LYS A 10 1.78 34.71 3.95
CA LYS A 10 0.38 34.85 4.35
C LYS A 10 -0.21 33.51 4.81
N PRO A 11 -1.17 33.56 5.75
CA PRO A 11 -1.85 32.37 6.23
C PRO A 11 -2.49 31.59 5.09
N VAL A 12 -2.47 30.26 5.21
CA VAL A 12 -3.02 29.36 4.20
C VAL A 12 -4.46 29.73 3.85
N GLU A 13 -5.31 29.96 4.87
CA GLU A 13 -6.74 30.23 4.62
C GLU A 13 -6.96 31.52 3.81
N ASP A 14 -6.14 32.53 4.09
CA ASP A 14 -6.11 33.77 3.35
C ASP A 14 -5.70 33.55 1.88
N ARG A 15 -4.68 32.73 1.66
CA ARG A 15 -4.21 32.46 0.30
C ARG A 15 -5.26 31.68 -0.49
N VAL A 16 -5.85 30.68 0.16
CA VAL A 16 -6.92 29.90 -0.45
C VAL A 16 -8.07 30.81 -0.92
N ALA A 17 -8.61 31.63 0.00
CA ALA A 17 -9.73 32.52 -0.33
C ALA A 17 -9.38 33.50 -1.45
N ASP A 18 -8.17 34.06 -1.38
CA ASP A 18 -7.73 35.04 -2.37
C ASP A 18 -7.68 34.43 -3.76
N LEU A 19 -7.10 33.24 -3.87
CA LEU A 19 -7.02 32.54 -5.15
C LEU A 19 -8.42 32.12 -5.66
N LEU A 20 -9.21 31.49 -4.79
CA LEU A 20 -10.54 31.02 -5.15
C LEU A 20 -11.37 32.12 -5.79
N GLY A 21 -11.32 33.31 -5.21
CA GLY A 21 -12.09 34.46 -5.68
C GLY A 21 -11.68 34.99 -7.05
N ARG A 22 -10.53 34.54 -7.56
CA ARG A 22 -10.03 34.95 -8.88
C ARG A 22 -10.35 33.95 -9.99
N MET A 23 -10.79 32.76 -9.60
CA MET A 23 -10.87 31.64 -10.55
C MET A 23 -12.18 31.59 -11.36
N THR A 24 -12.05 31.27 -12.64
CA THR A 24 -13.21 31.02 -13.51
C THR A 24 -13.74 29.60 -13.23
N LEU A 25 -14.94 29.31 -13.71
CA LEU A 25 -15.49 27.96 -13.60
C LEU A 25 -14.54 26.89 -14.15
N ALA A 26 -13.99 27.13 -15.35
CA ALA A 26 -13.05 26.19 -15.99
C ALA A 26 -11.79 25.95 -15.12
N GLU A 27 -11.32 27.01 -14.47
CA GLU A 27 -10.13 26.88 -13.62
C GLU A 27 -10.45 26.05 -12.38
N LYS A 28 -11.66 26.27 -11.84
CA LYS A 28 -12.13 25.53 -10.67
C LYS A 28 -12.32 24.04 -10.98
N ILE A 29 -13.06 23.76 -12.06
CA ILE A 29 -13.28 22.35 -12.44
C ILE A 29 -11.96 21.65 -12.81
N GLY A 30 -11.06 22.41 -13.43
CA GLY A 30 -9.72 21.91 -13.69
C GLY A 30 -9.00 21.44 -12.44
N GLN A 31 -9.05 22.22 -11.35
CA GLN A 31 -8.46 21.76 -10.09
C GLN A 31 -9.01 20.41 -9.60
N MET A 32 -10.29 20.16 -9.88
CA MET A 32 -10.99 18.97 -9.42
C MET A 32 -10.67 17.74 -10.27
N THR A 33 -9.86 17.95 -11.30
CA THR A 33 -9.59 16.93 -12.32
C THR A 33 -8.17 16.35 -12.17
N GLN A 34 -8.11 15.04 -11.93
CA GLN A 34 -6.83 14.32 -11.94
C GLN A 34 -6.73 13.38 -13.12
N ILE A 35 -5.62 13.49 -13.87
CA ILE A 35 -5.48 12.70 -15.09
C ILE A 35 -4.23 11.84 -15.05
N GLU A 36 -4.26 10.74 -15.81
CA GLU A 36 -3.12 9.85 -15.95
C GLU A 36 -2.04 10.58 -16.75
N ARG A 37 -0.78 10.39 -16.37
CA ARG A 37 0.33 10.85 -17.23
C ARG A 37 0.20 10.37 -18.68
N LEU A 38 -0.36 9.18 -18.89
CA LEU A 38 -0.49 8.65 -20.25
C LEU A 38 -1.37 9.48 -21.17
N VAL A 39 -2.26 10.29 -20.59
CA VAL A 39 -3.10 11.19 -21.40
C VAL A 39 -2.71 12.68 -21.33
N ALA A 40 -1.70 13.00 -20.54
CA ALA A 40 -1.26 14.38 -20.35
C ALA A 40 -0.28 14.85 -21.41
N THR A 41 -0.43 16.11 -21.81
CA THR A 41 0.53 16.81 -22.64
C THR A 41 0.58 18.25 -22.11
N PRO A 42 1.63 19.02 -22.44
CA PRO A 42 1.63 20.43 -22.03
C PRO A 42 0.35 21.20 -22.38
N ASP A 43 -0.13 21.07 -23.62
CA ASP A 43 -1.36 21.74 -24.05
C ASP A 43 -2.58 21.32 -23.23
N VAL A 44 -2.72 20.01 -22.98
CA VAL A 44 -3.88 19.50 -22.26
C VAL A 44 -3.91 20.08 -20.84
N LEU A 45 -2.75 20.10 -20.19
CA LEU A 45 -2.65 20.55 -18.80
C LEU A 45 -2.91 22.04 -18.68
N ARG A 46 -2.41 22.80 -19.65
CA ARG A 46 -2.59 24.25 -19.70
C ARG A 46 -4.05 24.59 -20.07
N ASP A 47 -4.54 24.01 -21.17
CA ASP A 47 -5.86 24.37 -21.71
C ASP A 47 -7.02 23.98 -20.82
N ASN A 48 -6.84 22.89 -20.05
CA ASN A 48 -7.88 22.42 -19.15
C ASN A 48 -7.60 22.75 -17.68
N PHE A 49 -6.55 23.54 -17.41
CA PHE A 49 -6.25 23.99 -16.04
C PHE A 49 -6.18 22.83 -15.05
N ILE A 50 -5.52 21.75 -15.45
CA ILE A 50 -5.58 20.47 -14.72
C ILE A 50 -4.94 20.62 -13.34
N GLY A 51 -5.59 20.06 -12.32
CA GLY A 51 -5.14 20.24 -10.95
C GLY A 51 -4.19 19.14 -10.47
N SER A 52 -4.25 17.97 -11.09
CA SER A 52 -3.44 16.84 -10.60
C SER A 52 -3.17 15.82 -11.69
N LEU A 53 -2.03 15.13 -11.57
CA LEU A 53 -1.73 13.95 -12.39
C LEU A 53 -1.44 12.77 -11.48
N LEU A 54 -1.54 11.56 -12.03
CA LEU A 54 -1.03 10.37 -11.34
C LEU A 54 -0.36 9.41 -12.32
N SER A 55 0.47 8.55 -11.75
CA SER A 55 0.84 7.27 -12.35
C SER A 55 -0.02 6.20 -11.70
N GLY A 56 -0.84 5.52 -12.50
CA GLY A 56 -1.44 4.26 -12.04
C GLY A 56 -0.34 3.22 -11.95
N GLY A 57 -0.67 2.03 -11.42
CA GLY A 57 0.28 0.92 -11.31
C GLY A 57 0.99 0.66 -12.63
N GLY A 58 2.32 0.66 -12.60
CA GLY A 58 3.16 0.41 -13.78
C GLY A 58 3.22 1.53 -14.81
N SER A 59 2.69 2.71 -14.48
CA SER A 59 2.67 3.81 -15.44
C SER A 59 3.93 4.61 -15.22
N VAL A 60 4.96 4.28 -16.01
CA VAL A 60 6.31 4.81 -15.78
C VAL A 60 6.87 5.46 -17.08
N PRO A 61 7.79 6.43 -16.94
CA PRO A 61 8.34 7.06 -18.16
C PRO A 61 9.07 6.08 -19.10
N ARG A 62 9.70 5.06 -18.53
CA ARG A 62 10.50 4.09 -19.28
C ARG A 62 10.78 2.97 -18.29
N LYS A 63 10.93 1.73 -18.77
CA LYS A 63 11.42 0.67 -17.89
C LYS A 63 12.81 1.06 -17.44
N GLY A 64 13.08 0.90 -16.15
CA GLY A 64 14.41 1.15 -15.59
C GLY A 64 14.76 2.63 -15.50
N ALA A 65 13.76 3.52 -15.59
CA ALA A 65 14.01 4.97 -15.55
C ALA A 65 14.73 5.33 -14.25
N THR A 66 15.67 6.26 -14.35
CA THR A 66 16.38 6.77 -13.17
C THR A 66 15.48 7.76 -12.38
N ALA A 67 15.88 8.05 -11.14
CA ALA A 67 15.19 9.09 -10.36
C ALA A 67 15.13 10.43 -11.12
N LYS A 68 16.23 10.82 -11.76
CA LYS A 68 16.26 12.05 -12.56
C LYS A 68 15.24 12.04 -13.72
N GLU A 69 15.09 10.90 -14.39
CA GLU A 69 14.08 10.77 -15.47
C GLU A 69 12.68 11.03 -14.93
N TRP A 70 12.39 10.49 -13.74
CA TRP A 70 11.10 10.75 -13.09
C TRP A 70 10.96 12.23 -12.77
N GLN A 71 12.01 12.82 -12.19
CA GLN A 71 11.96 14.26 -11.88
C GLN A 71 11.69 15.10 -13.14
N ASP A 72 12.37 14.77 -14.23
CA ASP A 72 12.24 15.50 -15.50
C ASP A 72 10.81 15.41 -16.04
N MET A 73 10.21 14.22 -15.91
CA MET A 73 8.84 14.00 -16.34
C MET A 73 7.87 14.86 -15.55
N VAL A 74 7.97 14.79 -14.22
CA VAL A 74 7.08 15.53 -13.33
C VAL A 74 7.26 17.04 -13.54
N ASP A 75 8.52 17.50 -13.62
CA ASP A 75 8.79 18.93 -13.88
C ASP A 75 8.24 19.42 -15.23
N GLY A 76 8.30 18.56 -16.26
CA GLY A 76 7.76 18.92 -17.59
C GLY A 76 6.26 19.16 -17.49
N PHE A 77 5.57 18.29 -16.77
CA PHE A 77 4.14 18.51 -16.48
C PHE A 77 3.90 19.77 -15.64
N GLN A 78 4.74 19.97 -14.62
CA GLN A 78 4.59 21.13 -13.74
C GLN A 78 4.80 22.45 -14.50
N LYS A 79 5.79 22.50 -15.39
CA LYS A 79 6.05 23.71 -16.18
C LYS A 79 4.80 24.13 -16.96
N ALA A 80 4.09 23.14 -17.52
CA ALA A 80 2.83 23.41 -18.24
C ALA A 80 1.76 24.02 -17.33
N CYS A 81 1.54 23.42 -16.15
CA CYS A 81 0.59 23.94 -15.18
C CYS A 81 0.99 25.32 -14.66
N MET A 82 2.28 25.55 -14.43
CA MET A 82 2.73 26.84 -13.95
C MET A 82 2.58 27.95 -15.01
N SER A 83 2.37 27.56 -16.28
CA SER A 83 2.24 28.52 -17.39
C SER A 83 0.79 29.01 -17.60
N THR A 84 -0.15 28.50 -16.81
CA THR A 84 -1.53 28.98 -16.89
C THR A 84 -1.60 30.40 -16.33
N ARG A 85 -2.74 31.06 -16.59
CA ARG A 85 -2.99 32.41 -16.09
C ARG A 85 -2.71 32.59 -14.59
N LEU A 86 -3.17 31.64 -13.79
CA LEU A 86 -3.05 31.75 -12.33
C LEU A 86 -1.82 31.02 -11.81
N GLY A 87 -1.27 30.12 -12.62
CA GLY A 87 -0.04 29.41 -12.30
C GLY A 87 -0.19 28.53 -11.07
N ILE A 88 -1.31 27.79 -11.00
CA ILE A 88 -1.53 26.91 -9.86
C ILE A 88 -0.77 25.61 -10.12
N PRO A 89 0.17 25.25 -9.22
CA PRO A 89 0.94 24.03 -9.52
C PRO A 89 0.07 22.77 -9.38
N MET A 90 0.35 21.76 -10.21
CA MET A 90 -0.30 20.48 -10.05
C MET A 90 0.35 19.68 -8.92
N ILE A 91 -0.43 18.79 -8.33
CA ILE A 91 0.10 17.78 -7.40
C ILE A 91 0.12 16.43 -8.13
N TYR A 92 1.23 15.71 -8.01
CA TYR A 92 1.39 14.42 -8.70
C TYR A 92 1.32 13.27 -7.68
N GLY A 93 0.39 12.36 -7.94
CA GLY A 93 0.15 11.23 -7.02
C GLY A 93 0.60 9.89 -7.56
N ILE A 94 0.89 8.96 -6.66
CA ILE A 94 1.34 7.64 -7.05
C ILE A 94 1.06 6.64 -5.92
N ASP A 95 0.87 5.37 -6.28
CA ASP A 95 0.77 4.30 -5.27
C ASP A 95 2.16 3.92 -4.76
N ALA A 96 2.62 4.66 -3.76
CA ALA A 96 3.81 4.32 -3.02
C ALA A 96 3.29 3.69 -1.75
N VAL A 97 3.05 2.39 -1.82
CA VAL A 97 2.34 1.69 -0.76
C VAL A 97 3.22 0.69 0.01
N HIS A 98 4.43 0.41 -0.49
CA HIS A 98 5.44 -0.34 0.28
C HIS A 98 6.81 0.06 -0.22
N GLY A 99 7.10 1.34 0.02
CA GLY A 99 8.15 2.05 -0.68
C GLY A 99 7.60 2.68 -1.95
N GLN A 100 8.49 3.33 -2.69
CA GLN A 100 8.16 3.98 -3.96
C GLN A 100 8.12 2.88 -5.07
N ASN A 101 7.13 2.00 -4.98
CA ASN A 101 7.22 0.67 -5.57
C ASN A 101 7.09 0.57 -7.11
N ASN A 102 6.64 1.62 -7.79
CA ASN A 102 6.62 1.60 -9.26
C ASN A 102 8.00 1.82 -9.86
N VAL A 103 8.92 2.29 -9.04
CA VAL A 103 10.18 2.87 -9.51
C VAL A 103 11.32 1.83 -9.42
N TYR A 104 12.06 1.67 -10.51
CA TYR A 104 13.18 0.76 -10.53
C TYR A 104 14.25 1.21 -9.53
N GLY A 105 14.73 0.27 -8.70
CA GLY A 105 15.78 0.57 -7.74
C GLY A 105 15.28 1.20 -6.44
N ALA A 106 13.97 1.40 -6.33
CA ALA A 106 13.37 1.90 -5.07
C ALA A 106 13.38 0.79 -4.01
N THR A 107 13.62 1.19 -2.77
CA THR A 107 13.54 0.22 -1.66
C THR A 107 12.12 -0.34 -1.56
N ILE A 108 11.98 -1.67 -1.54
CA ILE A 108 10.64 -2.26 -1.41
C ILE A 108 10.46 -2.84 0.00
N PHE A 109 9.55 -2.24 0.76
CA PHE A 109 9.32 -2.65 2.16
C PHE A 109 8.34 -3.81 2.18
N PRO A 110 8.26 -4.55 3.31
CA PRO A 110 7.22 -5.59 3.44
C PRO A 110 5.84 -4.97 3.26
N HIS A 111 4.91 -5.74 2.68
CA HIS A 111 3.54 -5.29 2.58
C HIS A 111 2.87 -5.15 3.95
N ASN A 112 1.74 -4.45 3.99
CA ASN A 112 1.11 -4.13 5.27
C ASN A 112 0.84 -5.27 6.23
N VAL A 113 0.39 -6.41 5.72
CA VAL A 113 0.04 -7.54 6.61
C VAL A 113 1.27 -7.93 7.44
N GLY A 114 2.46 -7.93 6.81
CA GLY A 114 3.70 -8.24 7.53
C GLY A 114 4.05 -7.14 8.52
N LEU A 115 3.80 -5.89 8.15
CA LEU A 115 4.03 -4.79 9.08
C LEU A 115 3.11 -4.92 10.32
N GLY A 116 1.87 -5.37 10.11
CA GLY A 116 0.98 -5.67 11.25
C GLY A 116 1.59 -6.70 12.20
N ALA A 117 2.26 -7.70 11.64
CA ALA A 117 2.89 -8.77 12.43
C ALA A 117 4.01 -8.22 13.36
N THR A 118 4.61 -7.09 12.99
CA THR A 118 5.68 -6.50 13.80
C THR A 118 5.17 -5.86 15.11
N ARG A 119 3.90 -5.48 15.11
CA ARG A 119 3.32 -4.69 16.24
C ARG A 119 4.21 -3.51 16.63
N ASP A 120 4.83 -2.88 15.64
CA ASP A 120 5.84 -1.83 15.90
C ASP A 120 5.47 -0.57 15.13
N PRO A 121 4.58 0.26 15.71
CA PRO A 121 4.15 1.49 15.01
C PRO A 121 5.31 2.46 14.70
N TYR A 122 6.34 2.47 15.53
CA TYR A 122 7.49 3.35 15.29
C TYR A 122 8.34 2.91 14.09
N LEU A 123 8.52 1.59 13.95
CA LEU A 123 9.06 1.05 12.70
C LEU A 123 8.26 1.55 11.48
N VAL A 124 6.93 1.46 11.55
CA VAL A 124 6.10 1.86 10.45
C VAL A 124 6.24 3.39 10.18
N LYS A 125 6.31 4.18 11.24
CA LYS A 125 6.59 5.62 11.11
C LYS A 125 7.90 5.83 10.32
N ARG A 126 8.97 5.14 10.71
CA ARG A 126 10.26 5.24 10.02
C ARG A 126 10.15 4.81 8.55
N ILE A 127 9.37 3.77 8.27
CA ILE A 127 9.08 3.37 6.88
C ILE A 127 8.40 4.50 6.11
N GLY A 128 7.41 5.16 6.73
CA GLY A 128 6.78 6.35 6.13
C GLY A 128 7.81 7.43 5.83
N GLU A 129 8.71 7.67 6.77
CA GLU A 129 9.78 8.68 6.59
C GLU A 129 10.68 8.37 5.38
N ALA A 130 11.14 7.12 5.29
CA ALA A 130 11.99 6.64 4.20
C ALA A 130 11.25 6.68 2.86
N THR A 131 9.98 6.29 2.88
CA THR A 131 9.14 6.29 1.70
C THR A 131 8.94 7.73 1.18
N ALA A 132 8.67 8.68 2.08
CA ALA A 132 8.56 10.10 1.64
C ALA A 132 9.82 10.57 0.87
N LEU A 133 10.99 10.21 1.38
CA LEU A 133 12.27 10.58 0.76
C LEU A 133 12.43 9.96 -0.62
N GLU A 134 12.05 8.68 -0.75
CA GLU A 134 12.20 8.00 -2.05
C GLU A 134 11.15 8.47 -3.08
N VAL A 135 9.96 8.85 -2.60
CA VAL A 135 8.96 9.45 -3.48
C VAL A 135 9.42 10.85 -3.94
N ARG A 136 9.90 11.67 -3.01
CA ARG A 136 10.46 13.00 -3.39
C ARG A 136 11.71 12.89 -4.28
N ALA A 137 12.45 11.79 -4.13
CA ALA A 137 13.60 11.52 -5.01
C ALA A 137 13.19 11.50 -6.50
N THR A 138 11.94 11.11 -6.75
CA THR A 138 11.37 11.02 -8.11
C THR A 138 10.54 12.24 -8.49
N GLY A 139 10.53 13.27 -7.63
CA GLY A 139 9.78 14.52 -7.93
C GLY A 139 8.30 14.47 -7.57
N ILE A 140 7.85 13.36 -7.00
CA ILE A 140 6.43 13.16 -6.72
C ILE A 140 6.10 13.64 -5.31
N GLN A 141 4.94 14.27 -5.15
CA GLN A 141 4.59 14.97 -3.89
C GLN A 141 3.47 14.31 -3.06
N TYR A 142 2.90 13.20 -3.54
CA TYR A 142 1.65 12.66 -3.00
C TYR A 142 1.63 11.14 -3.15
N ALA A 143 1.45 10.44 -2.04
CA ALA A 143 1.40 8.98 -2.03
C ALA A 143 -0.01 8.54 -1.62
N PHE A 144 -0.56 7.58 -2.37
CA PHE A 144 -1.86 7.02 -2.05
C PHE A 144 -1.73 5.95 -0.95
N ALA A 145 -1.43 6.40 0.26
CA ALA A 145 -1.15 5.51 1.40
C ALA A 145 -1.31 6.30 2.70
N PRO A 146 -1.69 5.64 3.82
CA PRO A 146 -1.88 4.19 3.99
C PRO A 146 -3.27 3.65 3.64
N CYS A 147 -3.30 2.42 3.12
CA CYS A 147 -4.52 1.64 3.14
C CYS A 147 -4.81 1.25 4.59
N ILE A 148 -5.89 1.79 5.16
CA ILE A 148 -6.31 1.43 6.53
C ILE A 148 -7.57 0.54 6.54
N ALA A 149 -7.73 -0.24 5.46
CA ALA A 149 -8.74 -1.28 5.43
C ALA A 149 -8.51 -2.24 6.62
N VAL A 150 -9.60 -2.73 7.17
CA VAL A 150 -9.55 -3.79 8.18
C VAL A 150 -10.08 -5.04 7.47
N CYS A 151 -9.16 -5.86 6.95
CA CYS A 151 -9.57 -7.04 6.18
C CYS A 151 -10.19 -8.10 7.08
N ARG A 152 -11.46 -8.41 6.82
CA ARG A 152 -12.24 -9.30 7.68
C ARG A 152 -12.46 -10.66 7.03
N ASP A 153 -11.88 -10.84 5.83
CA ASP A 153 -11.94 -12.10 5.10
C ASP A 153 -10.72 -12.21 4.15
N PRO A 154 -9.80 -13.16 4.42
CA PRO A 154 -8.54 -13.27 3.64
C PRO A 154 -8.75 -13.72 2.19
N ARG A 155 -9.98 -14.09 1.83
CA ARG A 155 -10.29 -14.33 0.41
C ARG A 155 -10.19 -13.07 -0.46
N TRP A 156 -10.14 -11.91 0.20
CA TRP A 156 -9.98 -10.63 -0.49
C TRP A 156 -8.58 -10.50 -1.11
N GLY A 157 -8.54 -10.11 -2.39
CA GLY A 157 -7.28 -9.86 -3.08
C GLY A 157 -6.41 -8.75 -2.52
N ARG A 158 -6.97 -7.90 -1.65
CA ARG A 158 -6.20 -6.83 -1.03
C ARG A 158 -5.94 -7.06 0.45
N CYS A 159 -6.12 -8.30 0.90
CA CYS A 159 -5.87 -8.59 2.32
C CYS A 159 -4.44 -8.22 2.74
N TYR A 160 -3.46 -8.42 1.85
CA TYR A 160 -2.07 -8.02 2.18
C TYR A 160 -1.87 -6.51 2.38
N GLU A 161 -2.79 -5.71 1.85
CA GLU A 161 -2.75 -4.25 2.02
C GLU A 161 -3.35 -3.79 3.35
N SER A 162 -3.90 -4.72 4.13
CA SER A 162 -4.44 -4.42 5.45
C SER A 162 -3.45 -4.87 6.53
N TYR A 163 -3.16 -4.00 7.49
CA TYR A 163 -2.26 -4.35 8.60
C TYR A 163 -2.81 -5.50 9.45
N SER A 164 -4.14 -5.63 9.54
CA SER A 164 -4.74 -6.59 10.48
C SER A 164 -6.24 -6.70 10.30
N GLU A 165 -6.78 -7.84 10.75
CA GLU A 165 -8.22 -7.98 10.91
C GLU A 165 -8.71 -7.25 12.18
N ASP A 166 -7.76 -6.86 13.04
CA ASP A 166 -8.06 -6.19 14.30
C ASP A 166 -7.86 -4.69 14.10
N ARG A 167 -8.96 -3.93 14.17
CA ARG A 167 -8.88 -2.49 13.96
C ARG A 167 -7.91 -1.79 14.93
N ARG A 168 -7.70 -2.35 16.12
CA ARG A 168 -6.74 -1.76 17.07
C ARG A 168 -5.32 -1.74 16.50
N ILE A 169 -4.94 -2.81 15.81
CA ILE A 169 -3.63 -2.85 15.15
C ILE A 169 -3.59 -1.86 13.98
N VAL A 170 -4.64 -1.83 13.16
CA VAL A 170 -4.70 -0.86 12.07
C VAL A 170 -4.54 0.58 12.61
N GLN A 171 -5.28 0.88 13.68
CA GLN A 171 -5.20 2.19 14.35
C GLN A 171 -3.77 2.53 14.75
N SER A 172 -3.07 1.59 15.39
CA SER A 172 -1.68 1.83 15.79
C SER A 172 -0.78 2.15 14.60
N MET A 173 -1.07 1.54 13.45
CA MET A 173 -0.19 1.67 12.25
C MET A 173 -0.44 2.92 11.43
N THR A 174 -1.45 3.71 11.81
CA THR A 174 -1.66 5.04 11.23
C THR A 174 -0.46 5.97 11.47
N GLU A 175 0.50 5.52 12.31
CA GLU A 175 1.81 6.18 12.41
C GLU A 175 2.54 6.35 11.05
N LEU A 176 2.18 5.56 10.05
CA LEU A 176 2.72 5.79 8.70
C LEU A 176 2.52 7.25 8.26
N ILE A 177 1.37 7.82 8.63
CA ILE A 177 0.94 9.15 8.20
C ILE A 177 1.92 10.26 8.59
N PRO A 178 2.21 10.44 9.91
CA PRO A 178 3.25 11.44 10.26
C PRO A 178 4.67 11.05 9.79
N GLY A 179 4.91 9.78 9.48
CA GLY A 179 6.13 9.40 8.75
C GLY A 179 6.18 10.05 7.36
N LEU A 180 5.14 9.81 6.57
CA LEU A 180 5.06 10.35 5.21
C LEU A 180 4.99 11.89 5.16
N GLN A 181 4.23 12.49 6.08
CA GLN A 181 3.89 13.92 6.04
C GLN A 181 4.70 14.79 7.01
N GLY A 182 5.29 14.19 8.03
CA GLY A 182 5.85 14.96 9.15
C GLY A 182 4.88 15.00 10.33
N ASP A 183 5.43 15.14 11.54
CA ASP A 183 4.62 15.28 12.75
C ASP A 183 3.85 16.59 12.77
N VAL A 184 2.59 16.54 13.22
CA VAL A 184 1.77 17.76 13.32
C VAL A 184 2.20 18.58 14.55
N PRO A 185 2.01 19.91 14.50
CA PRO A 185 2.30 20.80 15.63
C PRO A 185 1.54 20.46 16.93
N LYS A 186 2.02 20.97 18.06
CA LYS A 186 1.32 20.77 19.35
C LYS A 186 -0.12 21.30 19.29
N ASP A 187 -0.30 22.41 18.59
CA ASP A 187 -1.56 23.14 18.53
C ASP A 187 -2.62 22.53 17.58
N PHE A 188 -2.34 21.35 17.03
CA PHE A 188 -3.04 20.88 15.85
C PHE A 188 -4.52 20.52 16.03
N THR A 189 -5.36 21.02 15.12
CA THR A 189 -6.79 20.70 15.12
C THR A 189 -7.05 19.43 14.30
N SER A 190 -7.55 18.38 14.95
CA SER A 190 -7.90 17.13 14.26
C SER A 190 -8.74 17.40 13.00
N GLY A 191 -8.36 16.77 11.89
CA GLY A 191 -9.10 16.92 10.64
C GLY A 191 -8.47 17.89 9.66
N MET A 192 -7.62 18.80 10.14
CA MET A 192 -6.85 19.68 9.25
C MET A 192 -5.78 18.87 8.48
N PRO A 193 -5.52 19.24 7.20
CA PRO A 193 -4.44 18.59 6.43
C PRO A 193 -3.08 19.12 6.90
N PHE A 194 -2.04 18.32 6.77
CA PHE A 194 -0.68 18.73 7.14
C PHE A 194 0.36 18.01 6.28
N VAL A 195 1.31 18.77 5.76
CA VAL A 195 2.57 18.22 5.21
C VAL A 195 3.66 19.22 5.61
N ALA A 196 4.79 18.71 6.12
CA ALA A 196 5.82 19.53 6.72
C ALA A 196 6.56 20.46 5.73
N GLY A 197 6.68 20.04 4.49
CA GLY A 197 7.41 20.78 3.49
C GLY A 197 7.93 19.88 2.37
N LYS A 198 8.94 20.37 1.65
CA LYS A 198 9.37 19.75 0.39
C LYS A 198 10.03 18.38 0.50
N ASN A 199 10.41 17.97 1.70
CA ASN A 199 11.00 16.66 1.90
C ASN A 199 9.99 15.61 2.39
N LYS A 200 8.71 16.01 2.46
CA LYS A 200 7.63 15.12 2.87
C LYS A 200 6.59 15.08 1.75
N VAL A 201 5.64 14.16 1.85
CA VAL A 201 4.58 14.01 0.85
C VAL A 201 3.19 14.07 1.53
N ALA A 202 2.19 14.51 0.77
CA ALA A 202 0.81 14.32 1.17
C ALA A 202 0.48 12.83 1.22
N ALA A 203 -0.21 12.44 2.28
CA ALA A 203 -0.70 11.06 2.44
C ALA A 203 -2.17 10.94 2.09
N CYS A 204 -2.67 9.71 2.14
CA CYS A 204 -4.05 9.41 1.73
C CYS A 204 -4.58 8.22 2.51
N ALA A 205 -5.50 8.46 3.45
CA ALA A 205 -6.15 7.34 4.15
C ALA A 205 -7.19 6.72 3.20
N LYS A 206 -7.06 5.41 2.94
CA LYS A 206 -7.91 4.72 1.96
C LYS A 206 -8.28 3.32 2.44
N HIS A 207 -9.40 2.75 1.96
CA HIS A 207 -10.38 3.40 1.05
C HIS A 207 -11.67 3.55 1.85
N PHE A 208 -12.16 4.78 1.95
CA PHE A 208 -13.28 5.12 2.82
C PHE A 208 -14.62 4.62 2.24
N VAL A 209 -15.35 3.74 2.93
CA VAL A 209 -15.02 3.08 4.20
C VAL A 209 -15.61 1.65 4.15
N GLY A 210 -14.99 0.72 4.87
CA GLY A 210 -15.46 -0.68 4.90
C GLY A 210 -15.02 -1.50 3.68
N ASP A 211 -13.95 -1.02 3.01
CA ASP A 211 -13.35 -1.79 1.92
C ASP A 211 -12.93 -3.23 2.32
N GLY A 212 -12.51 -3.40 3.57
CA GLY A 212 -12.13 -4.72 4.08
C GLY A 212 -13.27 -5.58 4.61
N GLY A 213 -14.52 -5.13 4.43
CA GLY A 213 -15.67 -5.84 5.01
C GLY A 213 -16.62 -6.47 4.00
N THR A 214 -16.17 -6.64 2.76
CA THR A 214 -17.10 -7.05 1.68
C THR A 214 -17.47 -8.53 1.78
N VAL A 215 -18.66 -8.87 1.28
CA VAL A 215 -19.16 -10.25 1.29
C VAL A 215 -18.17 -11.18 0.62
N ASP A 216 -17.77 -12.22 1.36
CA ASP A 216 -16.82 -13.25 0.88
C ASP A 216 -15.47 -12.68 0.41
N GLY A 217 -15.10 -11.50 0.90
CA GLY A 217 -13.89 -10.79 0.47
C GLY A 217 -13.88 -10.48 -1.03
N ILE A 218 -15.07 -10.39 -1.64
CA ILE A 218 -15.18 -10.00 -3.05
C ILE A 218 -14.78 -8.54 -3.20
N ASN A 219 -13.74 -8.29 -4.00
CA ASN A 219 -13.18 -6.95 -4.15
C ASN A 219 -14.22 -6.03 -4.77
N GLU A 220 -14.33 -4.81 -4.21
CA GLU A 220 -15.23 -3.76 -4.72
C GLU A 220 -16.70 -4.05 -4.44
N ASN A 221 -16.98 -5.08 -3.65
CA ASN A 221 -18.36 -5.57 -3.49
C ASN A 221 -19.12 -4.88 -2.34
N ASN A 222 -20.09 -5.58 -1.77
CA ASN A 222 -20.99 -5.00 -0.78
C ASN A 222 -20.55 -5.38 0.64
N THR A 223 -20.41 -4.37 1.49
CA THR A 223 -20.16 -4.55 2.91
C THR A 223 -21.49 -4.49 3.66
N ILE A 224 -21.95 -5.66 4.12
CA ILE A 224 -23.26 -5.76 4.79
C ILE A 224 -23.00 -5.83 6.29
N ILE A 225 -23.25 -4.70 6.98
CA ILE A 225 -23.03 -4.57 8.42
C ILE A 225 -23.86 -3.38 8.92
N ASN A 226 -24.41 -3.47 10.13
CA ASN A 226 -25.14 -2.32 10.71
C ASN A 226 -24.19 -1.15 11.02
N ARG A 227 -24.75 0.03 11.28
CA ARG A 227 -23.92 1.22 11.59
C ARG A 227 -22.96 0.97 12.76
N GLU A 228 -23.44 0.30 13.82
CA GLU A 228 -22.61 0.00 14.98
C GLU A 228 -21.32 -0.75 14.57
N GLY A 229 -21.46 -1.79 13.74
CA GLY A 229 -20.31 -2.55 13.27
C GLY A 229 -19.39 -1.78 12.35
N LEU A 230 -19.98 -0.97 11.46
CA LEU A 230 -19.20 -0.10 10.59
C LEU A 230 -18.33 0.83 11.45
N MET A 231 -18.95 1.44 12.46
CA MET A 231 -18.27 2.40 13.30
C MET A 231 -17.28 1.76 14.29
N ASN A 232 -17.49 0.49 14.62
CA ASN A 232 -16.67 -0.22 15.60
C ASN A 232 -15.43 -0.89 14.97
N ILE A 233 -15.56 -1.26 13.69
CA ILE A 233 -14.51 -2.04 13.01
C ILE A 233 -13.83 -1.21 11.93
N HIS A 234 -14.63 -0.65 11.03
CA HIS A 234 -14.08 -0.09 9.79
C HIS A 234 -13.75 1.40 9.84
N MET A 235 -14.37 2.11 10.77
CA MET A 235 -14.21 3.55 10.89
C MET A 235 -13.08 4.05 11.82
N PRO A 236 -12.82 3.37 12.97
CA PRO A 236 -11.91 3.95 13.97
C PRO A 236 -10.57 4.52 13.45
N ALA A 237 -9.88 3.81 12.57
CA ALA A 237 -8.58 4.29 12.12
C ALA A 237 -8.68 5.61 11.32
N TYR A 238 -9.83 5.88 10.71
CA TYR A 238 -10.04 7.18 10.04
C TYR A 238 -9.98 8.36 11.03
N LYS A 239 -10.48 8.16 12.25
CA LYS A 239 -10.39 9.19 13.28
C LYS A 239 -8.93 9.41 13.71
N ASN A 240 -8.17 8.32 13.90
CA ASN A 240 -6.72 8.46 14.13
C ASN A 240 -6.03 9.23 13.00
N ALA A 241 -6.41 8.93 11.76
CA ALA A 241 -5.88 9.62 10.60
C ALA A 241 -6.17 11.14 10.65
N MET A 242 -7.39 11.50 11.04
CA MET A 242 -7.79 12.93 11.25
C MET A 242 -6.90 13.59 12.31
N ASP A 243 -6.66 12.87 13.41
CA ASP A 243 -5.84 13.36 14.52
C ASP A 243 -4.39 13.61 14.11
N LYS A 244 -3.94 12.88 13.10
CA LYS A 244 -2.55 12.95 12.63
C LYS A 244 -2.41 13.79 11.35
N GLY A 245 -3.49 14.46 10.97
CA GLY A 245 -3.46 15.43 9.87
C GLY A 245 -3.36 14.86 8.46
N VAL A 246 -3.91 13.67 8.22
CA VAL A 246 -3.89 13.08 6.87
C VAL A 246 -4.44 14.11 5.84
N SER A 247 -3.74 14.31 4.74
CA SER A 247 -4.07 15.41 3.83
C SER A 247 -5.26 15.10 2.91
N THR A 248 -5.39 13.83 2.54
CA THR A 248 -6.45 13.39 1.65
C THR A 248 -7.09 12.07 2.13
N VAL A 249 -8.29 11.80 1.63
CA VAL A 249 -8.98 10.54 1.87
C VAL A 249 -9.49 10.07 0.52
N MET A 250 -9.19 8.82 0.18
CA MET A 250 -9.75 8.21 -1.03
C MET A 250 -10.97 7.34 -0.75
N ILE A 251 -12.01 7.52 -1.58
CA ILE A 251 -13.23 6.75 -1.46
C ILE A 251 -13.11 5.34 -2.04
N SER A 252 -13.73 4.39 -1.36
CA SER A 252 -13.76 2.98 -1.77
C SER A 252 -14.71 2.69 -2.94
N TYR A 253 -14.31 1.78 -3.82
CA TYR A 253 -15.24 1.20 -4.79
C TYR A 253 -16.41 0.45 -4.16
N SER A 254 -16.21 -0.06 -2.95
CA SER A 254 -17.23 -0.91 -2.30
C SER A 254 -18.50 -0.16 -1.96
N SER A 255 -19.50 -0.93 -1.54
CA SER A 255 -20.80 -0.38 -1.15
C SER A 255 -21.01 -0.69 0.33
N TRP A 256 -21.82 0.11 1.01
CA TRP A 256 -22.25 -0.21 2.39
C TRP A 256 -23.76 -0.44 2.35
N ASN A 257 -24.18 -1.65 2.71
CA ASN A 257 -25.58 -2.03 2.67
C ASN A 257 -26.24 -1.62 1.34
N GLY A 258 -25.50 -1.88 0.26
CA GLY A 258 -26.00 -1.67 -1.10
C GLY A 258 -25.84 -0.28 -1.67
N VAL A 259 -25.28 0.64 -0.88
CA VAL A 259 -25.11 2.03 -1.35
C VAL A 259 -23.64 2.24 -1.69
N LYS A 260 -23.39 2.63 -2.95
CA LYS A 260 -22.03 2.86 -3.43
C LYS A 260 -21.37 3.96 -2.58
N MET A 261 -20.18 3.68 -2.05
CA MET A 261 -19.39 4.71 -1.35
C MET A 261 -19.22 5.99 -2.17
N HIS A 262 -18.93 5.85 -3.47
CA HIS A 262 -18.76 7.03 -4.35
C HIS A 262 -20.04 7.86 -4.51
N ALA A 263 -21.18 7.35 -4.08
CA ALA A 263 -22.45 8.10 -4.13
C ALA A 263 -23.05 8.40 -2.74
N ASN A 264 -22.29 8.13 -1.68
CA ASN A 264 -22.83 8.21 -0.32
C ASN A 264 -22.59 9.55 0.38
N GLN A 265 -23.54 10.47 0.22
CA GLN A 265 -23.46 11.80 0.81
C GLN A 265 -23.46 11.74 2.34
N ASP A 266 -24.30 10.86 2.89
CA ASP A 266 -24.35 10.71 4.34
C ASP A 266 -22.98 10.39 4.96
N LEU A 267 -22.22 9.46 4.37
CA LEU A 267 -20.92 9.11 4.92
C LEU A 267 -19.82 10.11 4.51
N VAL A 268 -19.80 10.51 3.23
CA VAL A 268 -18.70 11.35 2.74
C VAL A 268 -18.85 12.78 3.28
N THR A 269 -20.04 13.36 3.17
CA THR A 269 -20.28 14.72 3.66
C THR A 269 -20.74 14.73 5.12
N GLY A 270 -21.83 14.02 5.41
CA GLY A 270 -22.39 13.95 6.76
C GLY A 270 -21.40 13.49 7.83
N TYR A 271 -20.63 12.44 7.52
CA TYR A 271 -19.73 11.90 8.52
C TYR A 271 -18.28 12.40 8.40
N LEU A 272 -17.62 12.08 7.28
CA LEU A 272 -16.21 12.43 7.12
C LEU A 272 -16.01 13.94 7.25
N LYS A 273 -16.76 14.73 6.47
CA LYS A 273 -16.55 16.17 6.49
C LYS A 273 -17.20 16.82 7.72
N ASP A 274 -18.49 16.56 7.93
CA ASP A 274 -19.27 17.32 8.92
C ASP A 274 -19.14 16.83 10.35
N THR A 275 -18.78 15.56 10.55
CA THR A 275 -18.65 15.00 11.91
C THR A 275 -17.19 14.87 12.34
N LEU A 276 -16.37 14.24 11.51
CA LEU A 276 -14.92 14.15 11.76
C LEU A 276 -14.19 15.46 11.48
N LYS A 277 -14.87 16.40 10.84
CA LYS A 277 -14.31 17.73 10.53
C LYS A 277 -13.06 17.64 9.63
N PHE A 278 -13.07 16.69 8.70
CA PHE A 278 -11.99 16.57 7.74
C PHE A 278 -11.94 17.81 6.86
N LYS A 279 -10.78 18.43 6.77
CA LYS A 279 -10.61 19.67 5.99
C LYS A 279 -9.63 19.53 4.81
N GLY A 280 -9.11 18.32 4.59
CA GLY A 280 -8.31 18.05 3.40
C GLY A 280 -9.24 17.76 2.22
N PHE A 281 -8.71 17.18 1.14
CA PHE A 281 -9.57 16.87 0.02
C PHE A 281 -9.88 15.38 -0.09
N VAL A 282 -11.09 15.11 -0.57
CA VAL A 282 -11.57 13.75 -0.83
C VAL A 282 -11.39 13.41 -2.31
N ILE A 283 -10.72 12.29 -2.59
CA ILE A 283 -10.44 11.88 -3.96
C ILE A 283 -11.17 10.57 -4.28
N SER A 284 -11.68 10.46 -5.51
CA SER A 284 -12.24 9.19 -6.00
C SER A 284 -11.14 8.13 -6.18
N ASP A 285 -11.55 6.88 -6.27
CA ASP A 285 -10.66 5.85 -6.79
C ASP A 285 -10.74 5.89 -8.32
N TRP A 286 -9.93 5.05 -8.95
CA TRP A 286 -9.70 5.05 -10.41
C TRP A 286 -10.96 4.59 -11.14
N GLU A 287 -11.59 5.50 -11.90
CA GLU A 287 -12.93 5.23 -12.51
C GLU A 287 -13.95 4.85 -11.43
N GLY A 288 -13.73 5.34 -10.22
CA GLY A 288 -14.64 5.04 -9.09
C GLY A 288 -16.05 5.55 -9.39
N ILE A 289 -16.15 6.76 -9.94
CA ILE A 289 -17.46 7.33 -10.22
C ILE A 289 -18.17 6.55 -11.35
N ASP A 290 -17.41 6.08 -12.34
CA ASP A 290 -17.94 5.21 -13.42
C ASP A 290 -18.63 3.98 -12.84
N ARG A 291 -18.05 3.42 -11.79
CA ARG A 291 -18.50 2.15 -11.24
C ARG A 291 -19.67 2.27 -10.27
N ILE A 292 -20.16 3.50 -10.07
CA ILE A 292 -21.45 3.69 -9.37
C ILE A 292 -22.59 2.93 -10.08
N THR A 293 -22.55 2.96 -11.42
CA THR A 293 -23.60 2.34 -12.26
C THR A 293 -23.21 0.93 -12.70
N THR A 294 -24.23 0.17 -13.13
CA THR A 294 -24.07 -1.16 -13.69
C THR A 294 -24.79 -1.16 -15.05
N PRO A 295 -24.06 -1.35 -16.17
CA PRO A 295 -22.61 -1.51 -16.27
C PRO A 295 -21.86 -0.26 -15.84
N ALA A 296 -20.58 -0.40 -15.50
CA ALA A 296 -19.76 0.77 -15.20
C ALA A 296 -19.73 1.70 -16.41
N GLY A 297 -19.91 3.00 -16.16
CA GLY A 297 -19.75 4.03 -17.20
C GLY A 297 -20.95 4.20 -18.12
N SER A 298 -22.03 3.47 -17.83
CA SER A 298 -23.23 3.49 -18.68
C SER A 298 -24.08 4.76 -18.51
N ASP A 299 -23.78 5.56 -17.49
CA ASP A 299 -24.48 6.84 -17.29
C ASP A 299 -23.53 7.81 -16.60
N TYR A 300 -22.56 8.28 -17.37
CA TYR A 300 -21.50 9.09 -16.81
C TYR A 300 -22.00 10.42 -16.27
N SER A 301 -23.05 10.96 -16.90
CA SER A 301 -23.67 12.17 -16.41
C SER A 301 -24.15 11.97 -14.97
N TYR A 302 -24.87 10.87 -14.72
CA TYR A 302 -25.24 10.48 -13.36
C TYR A 302 -24.04 10.27 -12.42
N SER A 303 -23.02 9.55 -12.90
CA SER A 303 -21.78 9.32 -12.11
C SER A 303 -21.20 10.64 -11.58
N VAL A 304 -21.11 11.65 -12.45
CA VAL A 304 -20.57 12.96 -12.08
C VAL A 304 -21.49 13.65 -11.07
N LYS A 305 -22.78 13.69 -11.37
CA LYS A 305 -23.75 14.30 -10.47
C LYS A 305 -23.71 13.66 -9.07
N ALA A 306 -23.84 12.32 -9.02
CA ALA A 306 -23.94 11.61 -7.74
C ALA A 306 -22.67 11.75 -6.90
N SER A 307 -21.51 11.62 -7.53
CA SER A 307 -20.25 11.70 -6.80
C SER A 307 -19.94 13.11 -6.26
N ILE A 308 -20.13 14.12 -7.11
CA ILE A 308 -19.82 15.49 -6.70
C ILE A 308 -20.84 15.95 -5.63
N LEU A 309 -22.12 15.63 -5.82
CA LEU A 309 -23.11 15.92 -4.77
C LEU A 309 -22.84 15.16 -3.46
N ALA A 310 -22.32 13.94 -3.56
CA ALA A 310 -21.95 13.15 -2.37
C ALA A 310 -20.88 13.86 -1.54
N GLY A 311 -20.06 14.67 -2.21
CA GLY A 311 -19.04 15.45 -1.54
C GLY A 311 -17.61 15.17 -1.96
N LEU A 312 -17.40 14.39 -3.03
CA LEU A 312 -16.02 14.16 -3.50
C LEU A 312 -15.47 15.47 -4.06
N ASP A 313 -14.17 15.69 -3.87
CA ASP A 313 -13.52 16.95 -4.28
C ASP A 313 -12.68 16.84 -5.54
N MET A 314 -11.95 15.74 -5.68
CA MET A 314 -11.08 15.52 -6.82
C MET A 314 -11.39 14.16 -7.42
N ILE A 315 -11.54 14.12 -8.75
CA ILE A 315 -11.89 12.91 -9.45
C ILE A 315 -10.66 12.36 -10.20
N MET A 316 -10.30 11.13 -9.85
CA MET A 316 -9.30 10.36 -10.57
C MET A 316 -10.02 9.81 -11.79
N VAL A 317 -9.94 10.55 -12.89
CA VAL A 317 -10.81 10.25 -14.04
C VAL A 317 -10.61 8.80 -14.55
N PRO A 318 -9.37 8.40 -14.89
CA PRO A 318 -8.16 9.21 -15.04
C PRO A 318 -7.85 9.55 -16.51
N ASN A 319 -8.65 9.03 -17.46
CA ASN A 319 -8.31 9.13 -18.87
C ASN A 319 -9.19 10.10 -19.63
N LYS A 320 -10.50 9.93 -19.46
CA LYS A 320 -11.49 10.70 -20.23
C LYS A 320 -11.82 12.06 -19.60
N TYR A 321 -10.80 12.91 -19.46
CA TYR A 321 -10.97 14.20 -18.79
C TYR A 321 -11.89 15.12 -19.59
N GLN A 322 -11.92 14.99 -20.91
CA GLN A 322 -12.74 15.90 -21.73
C GLN A 322 -14.20 15.73 -21.35
N GLN A 323 -14.65 14.48 -21.35
CA GLN A 323 -15.99 14.08 -20.94
C GLN A 323 -16.30 14.50 -19.50
N PHE A 324 -15.40 14.20 -18.56
CA PHE A 324 -15.60 14.63 -17.17
C PHE A 324 -15.78 16.14 -17.05
N ILE A 325 -14.83 16.91 -17.59
CA ILE A 325 -14.91 18.38 -17.50
C ILE A 325 -16.16 18.90 -18.21
N SER A 326 -16.47 18.35 -19.39
CA SER A 326 -17.64 18.82 -20.12
C SER A 326 -18.94 18.60 -19.31
N ILE A 327 -19.06 17.41 -18.72
CA ILE A 327 -20.28 17.03 -18.00
C ILE A 327 -20.46 17.86 -16.73
N LEU A 328 -19.40 17.96 -15.94
CA LEU A 328 -19.42 18.76 -14.72
C LEU A 328 -19.74 20.22 -15.06
N THR A 329 -19.08 20.77 -16.08
CA THR A 329 -19.40 22.14 -16.52
C THR A 329 -20.91 22.29 -16.84
N GLY A 330 -21.49 21.35 -17.58
CA GLY A 330 -22.91 21.41 -17.94
C GLY A 330 -23.78 21.35 -16.68
N HIS A 331 -23.44 20.46 -15.76
CA HIS A 331 -24.19 20.37 -14.48
C HIS A 331 -24.17 21.69 -13.70
N VAL A 332 -23.02 22.35 -13.66
CA VAL A 332 -22.94 23.63 -12.98
C VAL A 332 -23.71 24.72 -13.75
N ASN A 333 -23.51 24.78 -15.07
CA ASN A 333 -24.24 25.76 -15.91
C ASN A 333 -25.76 25.59 -15.81
N GLY A 334 -26.20 24.37 -15.57
CA GLY A 334 -27.63 24.06 -15.47
C GLY A 334 -28.20 24.12 -14.06
N GLY A 335 -27.38 24.47 -13.07
CA GLY A 335 -27.83 24.59 -11.69
C GLY A 335 -28.05 23.30 -10.93
N VAL A 336 -27.64 22.17 -11.52
CA VAL A 336 -27.81 20.85 -10.92
C VAL A 336 -26.78 20.66 -9.79
N ILE A 337 -25.60 21.24 -9.98
CA ILE A 337 -24.55 21.24 -8.95
C ILE A 337 -24.27 22.72 -8.63
N PRO A 338 -24.46 23.11 -7.36
CA PRO A 338 -24.34 24.52 -7.00
C PRO A 338 -22.88 24.96 -6.95
N MET A 339 -22.65 26.25 -7.14
CA MET A 339 -21.30 26.77 -7.05
C MET A 339 -20.67 26.54 -5.69
N SER A 340 -21.48 26.55 -4.63
CA SER A 340 -20.99 26.30 -3.29
C SER A 340 -20.26 24.95 -3.19
N ARG A 341 -20.73 23.95 -3.94
CA ARG A 341 -20.14 22.60 -3.92
C ARG A 341 -18.78 22.61 -4.63
N ILE A 342 -18.75 23.24 -5.80
CA ILE A 342 -17.51 23.44 -6.54
C ILE A 342 -16.49 24.22 -5.70
N ASP A 343 -16.92 25.33 -5.10
CA ASP A 343 -16.07 26.17 -4.24
C ASP A 343 -15.51 25.40 -3.04
N ASP A 344 -16.33 24.52 -2.46
CA ASP A 344 -15.88 23.67 -1.36
C ASP A 344 -14.77 22.71 -1.84
N ALA A 345 -15.00 22.04 -2.97
CA ALA A 345 -14.01 21.09 -3.50
C ALA A 345 -12.70 21.81 -3.76
N VAL A 346 -12.77 22.98 -4.39
CA VAL A 346 -11.56 23.69 -4.78
C VAL A 346 -10.84 24.25 -3.55
N THR A 347 -11.62 24.76 -2.59
CA THR A 347 -11.07 25.20 -1.29
C THR A 347 -10.17 24.14 -0.64
N ARG A 348 -10.67 22.90 -0.60
CA ARG A 348 -9.97 21.77 -0.01
C ARG A 348 -8.71 21.39 -0.77
N ILE A 349 -8.80 21.35 -2.09
CA ILE A 349 -7.67 21.03 -2.93
C ILE A 349 -6.58 22.11 -2.77
N LEU A 350 -6.97 23.39 -2.87
CA LEU A 350 -6.02 24.47 -2.66
C LEU A 350 -5.46 24.49 -1.23
N ARG A 351 -6.30 24.21 -0.23
CA ARG A 351 -5.79 24.15 1.15
C ARG A 351 -4.60 23.18 1.28
N VAL A 352 -4.76 21.97 0.72
CA VAL A 352 -3.70 20.96 0.78
C VAL A 352 -2.44 21.44 0.05
N LYS A 353 -2.63 21.99 -1.15
CA LYS A 353 -1.51 22.52 -1.96
C LYS A 353 -0.73 23.65 -1.26
N PHE A 354 -1.43 24.65 -0.74
CA PHE A 354 -0.77 25.73 -0.02
C PHE A 354 -0.08 25.19 1.25
N THR A 355 -0.80 24.34 1.99
CA THR A 355 -0.30 23.84 3.28
C THR A 355 1.04 23.11 3.12
N MET A 356 1.12 22.29 2.08
CA MET A 356 2.28 21.43 1.87
C MET A 356 3.47 22.17 1.27
N GLY A 357 3.27 23.43 0.90
CA GLY A 357 4.35 24.27 0.36
C GLY A 357 4.48 24.17 -1.17
N LEU A 358 3.47 23.60 -1.82
CA LEU A 358 3.56 23.32 -3.25
C LEU A 358 3.73 24.59 -4.12
N PHE A 359 3.14 25.70 -3.69
CA PHE A 359 3.30 26.97 -4.42
C PHE A 359 4.72 27.53 -4.28
N GLU A 360 5.40 27.18 -3.19
CA GLU A 360 6.77 27.63 -2.95
C GLU A 360 7.80 26.71 -3.56
N ASN A 361 7.48 25.41 -3.57
CA ASN A 361 8.37 24.43 -4.19
C ASN A 361 7.66 23.50 -5.17
N PRO A 362 7.25 24.07 -6.34
CA PRO A 362 6.50 23.26 -7.31
C PRO A 362 7.35 22.27 -8.09
N TYR A 363 8.68 22.46 -8.09
CA TYR A 363 9.56 21.62 -8.89
C TYR A 363 10.40 20.64 -8.05
N ALA A 364 10.91 19.60 -8.71
CA ALA A 364 11.70 18.55 -8.04
C ALA A 364 13.06 19.08 -7.57
N ASP A 365 13.59 18.46 -6.53
CA ASP A 365 14.94 18.80 -6.04
C ASP A 365 15.96 17.77 -6.54
N PRO A 366 16.84 18.17 -7.46
CA PRO A 366 17.76 17.17 -8.03
C PRO A 366 18.67 16.53 -6.98
N ALA A 367 18.88 17.21 -5.85
CA ALA A 367 19.71 16.69 -4.76
C ALA A 367 19.03 15.54 -4.02
N MET A 368 17.73 15.35 -4.27
CA MET A 368 17.00 14.27 -3.61
C MET A 368 17.08 12.98 -4.38
N ALA A 369 17.58 13.02 -5.62
CA ALA A 369 17.54 11.84 -6.48
C ALA A 369 18.25 10.64 -5.81
N GLU A 370 19.33 10.92 -5.10
CA GLU A 370 20.11 9.84 -4.45
C GLU A 370 19.46 9.18 -3.24
N GLN A 371 18.32 9.70 -2.79
CA GLN A 371 17.53 9.03 -1.77
C GLN A 371 16.93 7.72 -2.26
N LEU A 372 16.76 7.62 -3.57
CA LEU A 372 16.16 6.43 -4.17
C LEU A 372 17.02 5.19 -3.90
N GLY A 373 16.43 4.20 -3.24
CA GLY A 373 17.14 2.96 -2.92
C GLY A 373 18.32 3.12 -1.96
N LYS A 374 18.31 4.19 -1.16
CA LYS A 374 19.48 4.50 -0.30
C LYS A 374 19.70 3.33 0.67
N GLN A 375 20.95 2.94 0.87
CA GLN A 375 21.25 1.78 1.71
C GLN A 375 20.65 1.83 3.13
N GLU A 376 20.62 3.00 3.76
CA GLU A 376 19.97 3.14 5.08
C GLU A 376 18.51 2.69 5.03
N HIS A 377 17.84 3.00 3.91
CA HIS A 377 16.43 2.63 3.75
C HIS A 377 16.29 1.13 3.56
N ARG A 378 17.22 0.54 2.83
CA ARG A 378 17.28 -0.91 2.69
C ARG A 378 17.53 -1.60 4.03
N ASP A 379 18.41 -1.02 4.85
CA ASP A 379 18.66 -1.53 6.21
C ASP A 379 17.37 -1.52 7.04
N LEU A 380 16.60 -0.44 6.91
CA LEU A 380 15.27 -0.36 7.55
C LEU A 380 14.29 -1.43 7.03
N ALA A 381 14.22 -1.59 5.71
CA ALA A 381 13.37 -2.61 5.09
C ALA A 381 13.78 -4.01 5.57
N ARG A 382 15.08 -4.22 5.72
CA ARG A 382 15.61 -5.50 6.19
C ARG A 382 15.19 -5.77 7.65
N GLU A 383 15.29 -4.76 8.50
CA GLU A 383 14.77 -4.79 9.87
C GLU A 383 13.28 -5.13 9.87
N ALA A 384 12.50 -4.43 9.04
CA ALA A 384 11.05 -4.67 8.95
C ALA A 384 10.71 -6.08 8.51
N ALA A 385 11.39 -6.56 7.46
CA ALA A 385 11.18 -7.92 6.94
C ALA A 385 11.41 -8.94 8.06
N ARG A 386 12.54 -8.81 8.76
CA ARG A 386 12.86 -9.71 9.86
C ARG A 386 11.81 -9.68 10.99
N LYS A 387 11.38 -8.47 11.36
CA LYS A 387 10.40 -8.30 12.43
C LYS A 387 9.01 -8.81 12.05
N SER A 388 8.73 -8.86 10.73
CA SER A 388 7.43 -9.28 10.24
C SER A 388 7.26 -10.82 10.24
N LEU A 389 8.38 -11.55 10.31
CA LEU A 389 8.31 -13.02 10.14
C LEU A 389 7.58 -13.65 11.32
N VAL A 390 6.67 -14.56 11.04
CA VAL A 390 6.01 -15.28 12.15
C VAL A 390 6.41 -16.74 12.12
N LEU A 391 7.09 -17.19 13.17
CA LEU A 391 7.49 -18.59 13.29
C LEU A 391 6.29 -19.41 13.77
N LEU A 392 5.84 -20.31 12.91
CA LEU A 392 4.66 -21.15 13.17
C LEU A 392 4.98 -22.53 13.75
N LYS A 393 6.17 -23.05 13.43
CA LYS A 393 6.59 -24.38 13.88
C LYS A 393 8.10 -24.37 13.94
N ASN A 394 8.67 -25.05 14.94
CA ASN A 394 10.13 -25.14 15.05
C ASN A 394 10.49 -26.47 15.72
N GLY A 395 10.17 -27.56 15.03
CA GLY A 395 10.36 -28.91 15.55
C GLY A 395 9.06 -29.69 15.41
N LYS A 396 9.18 -30.95 14.96
CA LYS A 396 8.02 -31.81 14.68
C LYS A 396 7.39 -32.41 15.92
N THR A 397 8.19 -32.58 16.96
CA THR A 397 7.68 -33.10 18.22
C THR A 397 8.26 -32.26 19.35
N SER A 398 7.62 -32.34 20.50
CA SER A 398 8.05 -31.60 21.68
C SER A 398 9.44 -32.02 22.17
N THR A 399 9.93 -33.15 21.68
CA THR A 399 11.23 -33.65 22.12
C THR A 399 12.36 -33.42 21.09
N ASP A 400 12.00 -32.97 19.89
CA ASP A 400 12.98 -32.69 18.84
C ASP A 400 13.86 -31.49 19.20
N ALA A 401 15.10 -31.50 18.73
CA ALA A 401 15.94 -30.31 18.81
C ALA A 401 15.29 -29.23 17.94
N PRO A 402 15.23 -27.98 18.41
CA PRO A 402 14.69 -26.92 17.54
C PRO A 402 15.58 -26.75 16.30
N LEU A 403 14.96 -26.71 15.11
CA LEU A 403 15.74 -26.53 13.86
C LEU A 403 16.35 -25.12 13.78
N LEU A 404 15.54 -24.11 14.10
CA LEU A 404 16.02 -22.72 14.04
C LEU A 404 16.41 -22.22 15.42
N PRO A 405 17.50 -21.43 15.50
CA PRO A 405 18.30 -20.95 14.35
C PRO A 405 19.26 -22.00 13.77
N LEU A 406 19.47 -21.90 12.45
CA LEU A 406 20.37 -22.76 11.70
C LEU A 406 21.81 -22.31 11.89
N PRO A 407 22.77 -23.26 11.86
CA PRO A 407 24.19 -22.90 11.90
C PRO A 407 24.64 -22.31 10.53
N LYS A 408 25.41 -21.23 10.58
CA LYS A 408 26.01 -20.65 9.37
C LYS A 408 27.14 -21.51 8.76
N LYS A 409 27.72 -22.37 9.59
CA LYS A 409 28.78 -23.27 9.15
C LYS A 409 28.26 -24.70 9.09
N ALA A 410 28.25 -25.27 7.88
CA ALA A 410 27.83 -26.64 7.62
C ALA A 410 28.50 -27.07 6.31
N PRO A 411 28.82 -28.35 6.14
CA PRO A 411 29.51 -28.73 4.90
C PRO A 411 28.74 -28.39 3.62
N LYS A 412 27.44 -28.60 3.61
CA LYS A 412 26.67 -28.44 2.39
C LYS A 412 25.22 -28.25 2.77
N ILE A 413 24.57 -27.25 2.18
CA ILE A 413 23.16 -26.96 2.48
C ILE A 413 22.39 -26.80 1.17
N LEU A 414 21.08 -27.04 1.23
CA LEU A 414 20.19 -26.91 0.06
C LEU A 414 19.24 -25.73 0.21
N VAL A 415 19.18 -24.91 -0.84
CA VAL A 415 18.15 -23.87 -0.90
C VAL A 415 17.27 -24.28 -2.09
N ALA A 416 15.97 -24.35 -1.85
CA ALA A 416 15.05 -24.84 -2.86
C ALA A 416 13.71 -24.10 -2.90
N GLY A 417 12.96 -24.34 -3.97
CA GLY A 417 11.58 -23.82 -4.05
C GLY A 417 11.45 -22.69 -5.05
N SER A 418 10.25 -22.56 -5.60
CA SER A 418 9.92 -21.51 -6.56
C SER A 418 10.13 -20.10 -6.03
N HIS A 419 10.10 -19.93 -4.71
CA HIS A 419 10.21 -18.59 -4.12
C HIS A 419 11.59 -18.32 -3.51
N ALA A 420 12.53 -19.26 -3.68
CA ALA A 420 13.87 -19.09 -3.08
C ALA A 420 14.77 -18.08 -3.80
N ASP A 421 14.58 -17.97 -5.12
CA ASP A 421 15.41 -17.06 -5.90
C ASP A 421 14.54 -16.31 -6.89
N ASN A 422 13.54 -15.60 -6.36
CA ASN A 422 12.59 -14.88 -7.22
C ASN A 422 12.18 -13.58 -6.52
N LEU A 423 12.84 -12.50 -6.94
CA LEU A 423 12.68 -11.20 -6.28
C LEU A 423 11.26 -10.69 -6.45
N GLY A 424 10.71 -10.79 -7.66
CA GLY A 424 9.31 -10.37 -7.90
C GLY A 424 8.31 -11.13 -7.01
N TYR A 425 8.50 -12.44 -6.84
CA TYR A 425 7.59 -13.21 -5.97
C TYR A 425 7.67 -12.75 -4.50
N GLN A 426 8.86 -12.44 -4.01
CA GLN A 426 9.00 -12.06 -2.61
C GLN A 426 8.47 -10.65 -2.34
N CYS A 427 8.31 -9.87 -3.41
CA CYS A 427 7.75 -8.52 -3.31
C CYS A 427 6.21 -8.48 -3.46
N GLY A 428 5.67 -9.40 -4.28
CA GLY A 428 4.23 -9.49 -4.50
C GLY A 428 3.70 -8.32 -5.34
N GLY A 429 2.42 -8.03 -5.18
CA GLY A 429 1.75 -7.02 -6.04
C GLY A 429 2.24 -5.60 -5.77
N TRP A 430 1.84 -4.66 -6.63
CA TRP A 430 2.31 -3.27 -6.55
C TRP A 430 3.83 -3.19 -6.45
N THR A 431 4.53 -3.90 -7.35
CA THR A 431 5.98 -3.79 -7.40
C THR A 431 6.38 -3.78 -8.86
N ILE A 432 6.87 -2.62 -9.31
CA ILE A 432 7.27 -2.36 -10.72
C ILE A 432 6.06 -2.37 -11.67
N GLU A 433 5.33 -3.48 -11.72
CA GLU A 433 4.06 -3.54 -12.42
C GLU A 433 2.92 -3.44 -11.40
N TRP A 434 1.74 -3.10 -11.89
CA TRP A 434 0.55 -3.08 -11.07
C TRP A 434 0.35 -4.41 -10.32
N GLN A 435 0.40 -5.51 -11.09
CA GLN A 435 0.16 -6.87 -10.57
C GLN A 435 1.40 -7.51 -9.94
N GLY A 436 2.48 -6.74 -9.85
CA GLY A 436 3.80 -7.33 -9.55
C GLY A 436 4.23 -8.18 -10.75
N ASP A 437 5.28 -8.99 -10.57
CA ASP A 437 5.87 -9.70 -11.68
C ASP A 437 6.80 -10.78 -11.15
N THR A 438 7.33 -11.58 -12.06
CA THR A 438 8.20 -12.67 -11.70
C THR A 438 9.64 -12.29 -12.02
N GLY A 439 10.57 -12.77 -11.20
CA GLY A 439 11.99 -12.65 -11.49
C GLY A 439 12.67 -11.37 -10.98
N ARG A 440 13.78 -11.03 -11.63
CA ARG A 440 14.64 -9.96 -11.15
C ARG A 440 14.15 -8.61 -11.73
N THR A 441 13.10 -8.07 -11.11
CA THR A 441 12.39 -6.90 -11.66
C THR A 441 12.97 -5.56 -11.17
N THR A 442 13.82 -5.65 -10.14
CA THR A 442 14.37 -4.44 -9.51
C THR A 442 15.64 -4.79 -8.75
N VAL A 443 16.13 -3.86 -7.94
CA VAL A 443 17.33 -4.10 -7.17
C VAL A 443 16.91 -4.69 -5.82
N GLY A 444 17.52 -5.81 -5.46
CA GLY A 444 17.22 -6.46 -4.18
C GLY A 444 18.02 -7.73 -3.99
N THR A 445 17.68 -8.46 -2.92
CA THR A 445 18.40 -9.66 -2.53
C THR A 445 17.38 -10.76 -2.32
N THR A 446 17.49 -11.84 -3.12
CA THR A 446 16.57 -12.96 -2.96
C THR A 446 16.95 -13.79 -1.72
N ILE A 447 16.09 -14.75 -1.38
CA ILE A 447 16.39 -15.64 -0.24
C ILE A 447 17.69 -16.39 -0.51
N LEU A 448 17.84 -16.93 -1.72
CA LEU A 448 19.09 -17.59 -2.10
C LEU A 448 20.34 -16.70 -1.92
N GLU A 449 20.27 -15.49 -2.46
CA GLU A 449 21.38 -14.52 -2.35
C GLU A 449 21.69 -14.19 -0.89
N ALA A 450 20.65 -14.02 -0.09
CA ALA A 450 20.76 -13.74 1.35
C ALA A 450 21.45 -14.90 2.07
N VAL A 451 21.09 -16.14 1.70
CA VAL A 451 21.75 -17.32 2.28
C VAL A 451 23.24 -17.31 1.95
N LYS A 452 23.58 -17.12 0.68
CA LYS A 452 24.99 -17.10 0.26
C LYS A 452 25.77 -15.98 0.96
N ALA A 453 25.09 -14.86 1.24
CA ALA A 453 25.68 -13.70 1.92
C ALA A 453 25.88 -13.92 3.42
N ALA A 454 25.16 -14.90 3.98
CA ALA A 454 25.11 -15.12 5.43
C ALA A 454 26.04 -16.24 5.92
N VAL A 455 26.16 -17.29 5.11
CA VAL A 455 26.86 -18.49 5.57
C VAL A 455 28.38 -18.34 5.62
N ASP A 456 29.00 -19.18 6.44
CA ASP A 456 30.45 -19.31 6.51
C ASP A 456 31.00 -19.60 5.11
N PRO A 457 32.20 -19.07 4.79
CA PRO A 457 32.84 -19.38 3.50
C PRO A 457 33.03 -20.86 3.21
N SER A 458 33.17 -21.69 4.24
CA SER A 458 33.33 -23.13 4.04
C SER A 458 32.00 -23.86 3.69
N THR A 459 30.87 -23.18 3.86
CA THR A 459 29.56 -23.77 3.58
C THR A 459 29.22 -23.80 2.09
N VAL A 460 29.06 -25.00 1.55
CA VAL A 460 28.65 -25.10 0.15
C VAL A 460 27.14 -24.91 0.05
N VAL A 461 26.70 -23.96 -0.77
CA VAL A 461 25.27 -23.72 -0.95
C VAL A 461 24.84 -24.24 -2.33
N VAL A 462 23.89 -25.16 -2.33
CA VAL A 462 23.33 -25.68 -3.58
C VAL A 462 21.91 -25.14 -3.79
N PHE A 463 21.64 -24.65 -4.99
CA PHE A 463 20.28 -24.25 -5.32
C PHE A 463 19.65 -25.25 -6.28
N ALA A 464 18.43 -25.70 -5.98
CA ALA A 464 17.64 -26.49 -6.91
C ALA A 464 16.20 -26.01 -6.80
N GLU A 465 15.62 -25.51 -7.89
CA GLU A 465 14.28 -24.92 -7.77
C GLU A 465 13.22 -25.94 -7.34
N ASN A 466 13.23 -27.11 -7.96
CA ASN A 466 12.24 -28.14 -7.67
C ASN A 466 12.91 -29.52 -7.69
N PRO A 467 13.76 -29.80 -6.69
CA PRO A 467 14.51 -31.06 -6.70
C PRO A 467 13.60 -32.26 -6.41
N ASP A 468 13.93 -33.42 -6.96
CA ASP A 468 13.19 -34.62 -6.56
C ASP A 468 13.74 -35.23 -5.27
N ALA A 469 13.00 -36.18 -4.71
CA ALA A 469 13.32 -36.76 -3.41
C ALA A 469 14.73 -37.38 -3.41
N GLU A 470 15.07 -38.05 -4.50
CA GLU A 470 16.38 -38.73 -4.62
C GLU A 470 17.54 -37.75 -4.60
N PHE A 471 17.39 -36.65 -5.33
CA PHE A 471 18.41 -35.58 -5.37
C PHE A 471 18.75 -35.13 -3.96
N VAL A 472 17.71 -34.90 -3.16
CA VAL A 472 17.87 -34.47 -1.78
C VAL A 472 18.54 -35.55 -0.91
N LYS A 473 18.03 -36.78 -0.98
CA LYS A 473 18.55 -37.91 -0.16
C LYS A 473 20.01 -38.19 -0.45
N SER A 474 20.41 -38.05 -1.71
CA SER A 474 21.77 -38.32 -2.16
C SER A 474 22.75 -37.14 -2.03
N GLY A 475 22.24 -35.96 -1.68
CA GLY A 475 23.01 -34.72 -1.78
C GLY A 475 23.99 -34.44 -0.66
N GLY A 476 23.91 -35.18 0.45
CA GLY A 476 24.80 -34.92 1.58
C GLY A 476 24.57 -33.57 2.24
N PHE A 477 23.30 -33.17 2.34
CA PHE A 477 22.91 -31.86 2.91
C PHE A 477 22.76 -31.92 4.43
N SER A 478 23.22 -30.86 5.12
CA SER A 478 23.01 -30.73 6.57
C SER A 478 21.58 -30.34 6.89
N TYR A 479 21.00 -29.47 6.05
CA TYR A 479 19.63 -29.06 6.17
C TYR A 479 19.23 -28.35 4.87
N ALA A 480 17.95 -28.00 4.77
CA ALA A 480 17.46 -27.28 3.62
C ALA A 480 16.58 -26.10 4.03
N ILE A 481 16.64 -25.04 3.24
CA ILE A 481 15.68 -23.94 3.35
C ILE A 481 14.85 -23.97 2.07
N VAL A 482 13.54 -24.10 2.19
CA VAL A 482 12.69 -24.24 1.00
C VAL A 482 11.62 -23.15 1.04
N ALA A 483 11.52 -22.39 -0.05
CA ALA A 483 10.63 -21.22 -0.06
C ALA A 483 9.59 -21.39 -1.16
N VAL A 484 8.32 -21.27 -0.78
CA VAL A 484 7.19 -21.49 -1.69
C VAL A 484 6.07 -20.53 -1.33
N GLY A 485 5.05 -20.45 -2.16
CA GLY A 485 3.93 -19.56 -1.81
C GLY A 485 3.11 -19.03 -2.97
N GLU A 486 2.44 -17.90 -2.71
CA GLU A 486 1.54 -17.27 -3.67
C GLU A 486 2.33 -16.53 -4.72
N HIS A 487 1.73 -16.41 -5.90
CA HIS A 487 2.27 -15.52 -6.93
C HIS A 487 1.78 -14.10 -6.71
N PRO A 488 2.46 -13.10 -7.29
CA PRO A 488 2.02 -11.71 -7.11
C PRO A 488 0.61 -11.45 -7.67
N TYR A 489 -0.16 -10.64 -6.96
CA TYR A 489 -1.50 -10.29 -7.43
C TYR A 489 -1.88 -8.96 -6.80
N THR A 490 -2.85 -8.32 -7.41
CA THR A 490 -3.33 -7.02 -6.95
C THR A 490 -4.83 -6.89 -7.22
N GLU A 491 -5.55 -6.33 -6.25
CA GLU A 491 -6.99 -6.04 -6.40
C GLU A 491 -7.75 -7.33 -6.81
N THR A 492 -8.66 -7.25 -7.79
CA THR A 492 -9.59 -8.38 -8.05
C THR A 492 -8.87 -9.67 -8.49
N LYS A 493 -7.73 -9.53 -9.16
CA LYS A 493 -6.91 -10.70 -9.51
C LYS A 493 -6.50 -11.53 -8.29
N GLY A 494 -6.46 -10.90 -7.12
CA GLY A 494 -6.08 -11.62 -5.89
C GLY A 494 -7.22 -12.32 -5.18
N ASP A 495 -8.48 -12.01 -5.56
CA ASP A 495 -9.65 -12.65 -4.93
C ASP A 495 -9.53 -14.17 -5.14
N ASN A 496 -9.68 -14.94 -4.07
CA ASN A 496 -9.36 -16.37 -4.11
C ASN A 496 -10.21 -17.10 -3.07
N LEU A 497 -11.12 -17.96 -3.56
CA LEU A 497 -12.03 -18.69 -2.66
C LEU A 497 -11.42 -19.95 -2.05
N ASN A 498 -10.28 -20.41 -2.57
CA ASN A 498 -9.69 -21.69 -2.12
C ASN A 498 -8.43 -21.56 -1.25
N LEU A 499 -7.70 -20.45 -1.45
CA LEU A 499 -6.52 -20.10 -0.66
C LEU A 499 -5.52 -21.25 -0.51
N THR A 500 -5.29 -21.96 -1.61
CA THR A 500 -4.32 -23.03 -1.71
C THR A 500 -3.14 -22.52 -2.52
N ILE A 501 -1.91 -22.76 -2.07
CA ILE A 501 -0.78 -22.23 -2.85
C ILE A 501 -0.61 -22.99 -4.19
N PRO A 502 -0.13 -22.29 -5.25
CA PRO A 502 0.10 -22.96 -6.52
C PRO A 502 1.17 -24.06 -6.41
N GLU A 503 1.02 -25.07 -7.26
CA GLU A 503 2.02 -26.10 -7.39
C GLU A 503 2.95 -25.77 -8.57
N PRO A 504 4.23 -26.20 -8.49
CA PRO A 504 4.79 -26.99 -7.37
C PRO A 504 5.11 -26.08 -6.18
N GLY A 505 4.69 -26.53 -5.01
CA GLY A 505 4.96 -25.82 -3.77
C GLY A 505 5.01 -26.88 -2.69
N LEU A 506 3.83 -27.42 -2.38
CA LEU A 506 3.75 -28.54 -1.44
C LEU A 506 4.59 -29.74 -1.87
N SER A 507 4.54 -30.09 -3.17
CA SER A 507 5.30 -31.26 -3.66
C SER A 507 6.80 -31.04 -3.44
N THR A 508 7.28 -29.82 -3.66
CA THR A 508 8.71 -29.50 -3.42
C THR A 508 9.07 -29.61 -1.93
N VAL A 509 8.24 -29.01 -1.08
CA VAL A 509 8.42 -29.12 0.36
C VAL A 509 8.45 -30.59 0.80
N GLN A 510 7.51 -31.40 0.32
CA GLN A 510 7.47 -32.84 0.68
C GLN A 510 8.71 -33.58 0.23
N ALA A 511 9.18 -33.30 -0.99
CA ALA A 511 10.38 -33.96 -1.53
C ALA A 511 11.63 -33.57 -0.74
N VAL A 512 11.76 -32.29 -0.42
CA VAL A 512 12.92 -31.79 0.34
C VAL A 512 12.92 -32.27 1.79
N CYS A 513 11.81 -32.05 2.49
CA CYS A 513 11.71 -32.38 3.91
C CYS A 513 11.74 -33.90 4.15
N GLY A 514 11.32 -34.67 3.16
CA GLY A 514 11.42 -36.13 3.21
C GLY A 514 12.86 -36.62 3.21
N GLY A 515 13.78 -35.80 2.73
CA GLY A 515 15.18 -36.21 2.57
C GLY A 515 16.16 -35.60 3.57
N VAL A 516 15.82 -34.44 4.11
CA VAL A 516 16.70 -33.73 5.05
C VAL A 516 15.85 -32.80 5.93
N ARG A 517 16.35 -32.45 7.12
CA ARG A 517 15.65 -31.50 8.00
C ARG A 517 15.48 -30.17 7.23
N CYS A 518 14.28 -29.60 7.28
CA CYS A 518 13.96 -28.44 6.42
C CYS A 518 13.27 -27.31 7.18
N ALA A 519 13.65 -26.08 6.83
CA ALA A 519 12.93 -24.88 7.27
C ALA A 519 12.17 -24.37 6.03
N THR A 520 10.85 -24.34 6.13
CA THR A 520 10.00 -23.90 5.03
C THR A 520 9.65 -22.43 5.23
N VAL A 521 9.90 -21.64 4.20
CA VAL A 521 9.58 -20.22 4.24
C VAL A 521 8.38 -20.00 3.32
N LEU A 522 7.26 -19.62 3.91
CA LEU A 522 6.00 -19.42 3.17
C LEU A 522 5.84 -17.94 2.78
N ILE A 523 5.81 -17.66 1.49
CA ILE A 523 5.62 -16.28 0.99
C ILE A 523 4.15 -16.18 0.58
N SER A 524 3.42 -15.27 1.23
CA SER A 524 1.99 -15.14 0.93
C SER A 524 1.51 -13.76 1.36
N GLY A 525 0.35 -13.36 0.81
CA GLY A 525 -0.23 -12.08 1.20
C GLY A 525 -1.20 -12.21 2.37
N ARG A 526 -1.31 -13.42 2.94
CA ARG A 526 -2.44 -13.78 3.80
C ARG A 526 -2.25 -15.22 4.29
N PRO A 527 -3.00 -15.64 5.32
CA PRO A 527 -3.05 -17.07 5.64
C PRO A 527 -3.57 -17.85 4.44
N VAL A 528 -2.98 -19.01 4.19
CA VAL A 528 -3.38 -19.95 3.14
C VAL A 528 -3.45 -21.35 3.79
N VAL A 529 -4.08 -22.31 3.12
CA VAL A 529 -4.21 -23.67 3.66
C VAL A 529 -2.78 -24.15 3.94
N VAL A 530 -2.51 -24.48 5.20
CA VAL A 530 -1.11 -24.70 5.61
C VAL A 530 -0.85 -26.06 6.33
N GLN A 531 -1.90 -26.79 6.70
CA GLN A 531 -1.67 -28.08 7.39
C GLN A 531 -0.73 -29.04 6.64
N PRO A 532 -0.92 -29.23 5.31
CA PRO A 532 0.02 -30.13 4.60
C PRO A 532 1.46 -29.64 4.60
N LEU A 533 1.67 -28.33 4.46
CA LEU A 533 3.03 -27.76 4.58
C LEU A 533 3.61 -27.96 5.98
N LEU A 534 2.79 -27.75 7.01
CA LEU A 534 3.23 -27.95 8.40
C LEU A 534 3.61 -29.41 8.64
N ALA A 535 2.79 -30.33 8.14
CA ALA A 535 2.98 -31.74 8.39
C ALA A 535 4.35 -32.20 7.85
N ALA A 536 4.73 -31.69 6.69
CA ALA A 536 5.99 -32.03 6.04
C ALA A 536 7.22 -31.40 6.71
N SER A 537 7.06 -30.20 7.27
CA SER A 537 8.19 -29.34 7.67
C SER A 537 8.68 -29.52 9.11
N ASP A 538 10.00 -29.43 9.31
CA ASP A 538 10.56 -29.36 10.65
C ASP A 538 10.26 -27.98 11.25
N ALA A 539 10.53 -26.93 10.47
CA ALA A 539 10.18 -25.59 10.87
C ALA A 539 9.44 -24.89 9.73
N LEU A 540 8.57 -23.95 10.09
CA LEU A 540 7.81 -23.21 9.10
C LEU A 540 7.66 -21.76 9.54
N VAL A 541 7.96 -20.87 8.61
CA VAL A 541 7.91 -19.43 8.84
C VAL A 541 6.90 -18.78 7.86
N ALA A 542 5.96 -17.99 8.40
CA ALA A 542 5.11 -17.14 7.54
C ALA A 542 5.89 -15.83 7.32
N ALA A 543 6.44 -15.66 6.12
CA ALA A 543 7.27 -14.49 5.81
C ALA A 543 6.47 -13.37 5.13
N TRP A 544 5.19 -13.64 4.83
CA TRP A 544 4.32 -12.67 4.15
C TRP A 544 4.90 -12.26 2.77
N LEU A 545 4.95 -10.95 2.50
CA LEU A 545 5.53 -10.43 1.25
C LEU A 545 6.63 -9.44 1.66
N PRO A 546 7.83 -9.96 1.96
CA PRO A 546 8.84 -9.22 2.70
C PRO A 546 9.57 -8.11 1.93
N GLY A 547 9.39 -8.04 0.61
CA GLY A 547 9.97 -6.93 -0.17
C GLY A 547 11.36 -7.23 -0.73
N SER A 548 12.13 -6.18 -1.03
CA SER A 548 13.40 -6.34 -1.77
C SER A 548 14.56 -6.91 -0.93
N GLU A 549 14.42 -6.83 0.40
CA GLU A 549 15.55 -7.09 1.30
C GLU A 549 15.48 -8.49 1.94
N GLY A 550 15.80 -9.50 1.14
CA GLY A 550 15.69 -10.89 1.56
C GLY A 550 16.60 -11.28 2.72
N GLN A 551 17.62 -10.45 3.01
CA GLN A 551 18.46 -10.69 4.18
C GLN A 551 17.70 -10.59 5.50
N GLY A 552 16.54 -9.92 5.50
CA GLY A 552 15.65 -9.92 6.67
C GLY A 552 15.22 -11.34 7.04
N VAL A 553 15.02 -12.18 6.03
CA VAL A 553 14.62 -13.57 6.26
C VAL A 553 15.77 -14.37 6.90
N THR A 554 16.96 -14.28 6.33
CA THR A 554 18.13 -15.02 6.84
C THR A 554 18.62 -14.47 8.19
N ASP A 555 18.39 -13.19 8.46
CA ASP A 555 18.73 -12.60 9.77
C ASP A 555 18.09 -13.40 10.90
N ALA A 556 16.87 -13.87 10.68
CA ALA A 556 16.19 -14.70 11.67
C ALA A 556 16.52 -16.21 11.51
N LEU A 557 16.57 -16.70 10.27
CA LEU A 557 16.87 -18.13 10.06
C LEU A 557 18.17 -18.56 10.71
N PHE A 558 19.19 -17.70 10.61
CA PHE A 558 20.54 -17.99 11.13
C PHE A 558 20.82 -17.43 12.54
N GLY A 559 19.78 -16.90 13.18
CA GLY A 559 19.88 -16.51 14.58
C GLY A 559 20.64 -15.21 14.89
N ASP A 560 20.90 -14.37 13.88
CA ASP A 560 21.40 -13.02 14.16
C ASP A 560 20.42 -12.24 15.03
N PHE A 561 19.12 -12.46 14.82
CA PHE A 561 18.07 -11.91 15.67
C PHE A 561 17.10 -13.04 15.99
N GLY A 562 16.38 -12.91 17.11
CA GLY A 562 15.31 -13.85 17.44
C GLY A 562 14.03 -13.54 16.68
N PHE A 563 13.21 -14.57 16.44
CA PHE A 563 11.86 -14.35 15.88
C PHE A 563 10.99 -13.64 16.92
N THR A 564 10.25 -12.63 16.48
CA THR A 564 9.37 -11.85 17.39
C THR A 564 7.99 -11.58 16.79
N GLY A 565 7.84 -11.76 15.47
CA GLY A 565 6.57 -11.50 14.80
C GLY A 565 5.41 -12.32 15.36
N ARG A 566 4.24 -11.70 15.44
CA ARG A 566 3.03 -12.40 15.87
C ARG A 566 1.89 -12.22 14.85
N LEU A 567 1.11 -13.27 14.62
CA LEU A 567 0.02 -13.23 13.62
C LEU A 567 -0.86 -11.99 13.81
N PRO A 568 -0.97 -11.16 12.75
CA PRO A 568 -1.91 -10.02 12.79
C PRO A 568 -3.30 -10.39 12.25
N ARG A 569 -3.47 -11.67 11.89
CA ARG A 569 -4.73 -12.23 11.36
C ARG A 569 -4.92 -13.60 11.96
N THR A 570 -6.16 -14.07 11.99
CA THR A 570 -6.47 -15.46 12.33
C THR A 570 -5.95 -16.38 11.23
N TRP A 571 -5.33 -17.50 11.62
CA TRP A 571 -5.03 -18.54 10.64
C TRP A 571 -6.12 -19.60 10.72
N PHE A 572 -6.94 -19.70 9.67
CA PHE A 572 -8.08 -20.63 9.62
C PHE A 572 -7.61 -22.09 9.45
N LYS A 573 -8.44 -23.02 9.89
CA LYS A 573 -8.27 -24.43 9.59
C LYS A 573 -8.73 -24.75 8.16
N SER A 574 -9.83 -24.13 7.73
CA SER A 574 -10.39 -24.37 6.40
C SER A 574 -11.11 -23.10 5.91
N VAL A 575 -11.16 -22.92 4.59
CA VAL A 575 -11.87 -21.76 4.00
C VAL A 575 -13.38 -21.81 4.26
N ASP A 576 -13.92 -23.01 4.52
CA ASP A 576 -15.34 -23.15 4.86
C ASP A 576 -15.71 -22.47 6.19
N GLN A 577 -14.71 -22.17 7.02
CA GLN A 577 -14.90 -21.41 8.28
C GLN A 577 -15.11 -19.92 8.05
N LEU A 578 -14.69 -19.43 6.89
CA LEU A 578 -14.60 -17.99 6.66
C LEU A 578 -15.95 -17.33 6.37
N PRO A 579 -16.14 -16.08 6.86
CA PRO A 579 -15.17 -15.28 7.62
C PRO A 579 -15.08 -15.71 9.08
N MET A 580 -13.88 -15.65 9.64
CA MET A 580 -13.67 -16.02 11.03
C MET A 580 -12.56 -15.16 11.62
N ASN A 581 -12.95 -14.28 12.54
CA ASN A 581 -12.06 -13.28 13.09
C ASN A 581 -12.01 -13.40 14.61
N VAL A 582 -10.88 -12.96 15.20
CA VAL A 582 -10.73 -12.95 16.66
C VAL A 582 -11.91 -12.20 17.30
N GLY A 583 -12.47 -12.78 18.35
CA GLY A 583 -13.63 -12.20 19.00
C GLY A 583 -14.97 -12.75 18.58
N ASP A 584 -15.00 -13.52 17.48
CA ASP A 584 -16.23 -14.18 17.03
C ASP A 584 -16.67 -15.26 18.01
N ALA A 585 -17.97 -15.60 17.96
CA ALA A 585 -18.46 -16.81 18.65
C ALA A 585 -18.08 -18.06 17.83
N HIS A 586 -17.71 -19.14 18.53
CA HIS A 586 -17.23 -20.38 17.88
C HIS A 586 -15.95 -20.16 17.05
N TYR A 587 -15.10 -19.27 17.52
CA TYR A 587 -13.77 -19.04 16.95
C TYR A 587 -12.94 -20.33 17.09
N ASP A 588 -12.57 -20.93 15.95
CA ASP A 588 -11.87 -22.22 15.93
C ASP A 588 -10.64 -22.18 14.98
N PRO A 589 -9.64 -21.35 15.34
CA PRO A 589 -8.49 -21.13 14.48
C PRO A 589 -7.50 -22.30 14.49
N LEU A 590 -6.75 -22.44 13.39
CA LEU A 590 -5.54 -23.26 13.41
C LEU A 590 -4.51 -22.57 14.31
N PHE A 591 -4.31 -21.27 14.08
CA PHE A 591 -3.49 -20.42 14.94
C PHE A 591 -4.29 -19.16 15.20
N ARG A 592 -4.48 -18.82 16.46
CA ARG A 592 -5.22 -17.60 16.81
C ARG A 592 -4.40 -16.33 16.45
N LEU A 593 -5.10 -15.22 16.24
CA LEU A 593 -4.46 -13.92 16.08
C LEU A 593 -3.53 -13.72 17.30
N GLY A 594 -2.30 -13.28 17.05
CA GLY A 594 -1.33 -13.04 18.12
C GLY A 594 -0.35 -14.18 18.36
N TYR A 595 -0.61 -15.34 17.75
CA TYR A 595 0.30 -16.49 17.86
C TYR A 595 1.66 -16.24 17.21
N GLY A 596 2.73 -16.73 17.83
CA GLY A 596 4.05 -16.67 17.18
C GLY A 596 5.05 -17.30 18.11
N LEU A 597 5.77 -18.28 17.61
CA LEU A 597 6.87 -18.90 18.37
C LEU A 597 8.05 -17.93 18.37
N THR A 598 8.95 -18.06 19.34
CA THR A 598 10.12 -17.17 19.39
C THR A 598 11.41 -17.99 19.36
N THR A 599 12.52 -17.32 19.04
CA THR A 599 13.84 -17.90 19.23
C THR A 599 14.68 -16.81 19.86
N ASN A 600 15.86 -17.18 20.33
CA ASN A 600 16.82 -16.18 20.78
C ASN A 600 18.03 -16.10 19.85
N ALA A 601 18.56 -14.89 19.73
CA ALA A 601 19.74 -14.64 18.90
C ALA A 601 20.95 -15.54 19.24
N THR A 602 21.68 -15.88 18.17
CA THR A 602 23.04 -16.49 18.17
C THR A 602 22.98 -17.97 17.85
C1 NAG B . -20.89 -8.31 -5.84
C2 NAG B . -21.61 -7.24 -6.68
C3 NAG B . -22.68 -7.90 -7.58
C4 NAG B . -22.13 -9.07 -8.39
C5 NAG B . -21.37 -10.04 -7.45
C6 NAG B . -20.66 -11.18 -8.16
C7 NAG B . -21.76 -5.03 -5.58
C8 NAG B . -22.52 -4.22 -4.56
N2 NAG B . -22.25 -6.25 -5.85
O3 NAG B . -23.27 -6.96 -8.45
O4 NAG B . -23.22 -9.70 -9.02
O5 NAG B . -20.40 -9.30 -6.72
O6 NAG B . -19.86 -10.69 -9.20
O7 NAG B . -20.76 -4.55 -6.10
C1 NAG B . -22.98 -9.80 -10.44
C2 NAG B . -23.85 -10.93 -11.02
C3 NAG B . -23.63 -11.04 -12.52
C4 NAG B . -23.74 -9.68 -13.23
C5 NAG B . -22.94 -8.58 -12.50
C6 NAG B . -23.25 -7.19 -13.09
C7 NAG B . -24.20 -12.77 -9.40
C8 NAG B . -23.66 -14.08 -8.92
N2 NAG B . -23.55 -12.23 -10.43
O3 NAG B . -24.57 -11.94 -13.06
O4 NAG B . -23.27 -9.83 -14.56
O5 NAG B . -23.24 -8.58 -11.11
O6 NAG B . -22.32 -6.23 -12.63
O7 NAG B . -25.17 -12.26 -8.85
C1 BMA B . -24.35 -9.59 -15.49
C2 BMA B . -23.76 -9.26 -16.87
C3 BMA B . -24.86 -9.13 -17.94
C4 BMA B . -25.92 -10.25 -17.82
C5 BMA B . -26.40 -10.39 -16.37
C6 BMA B . -27.48 -11.47 -16.16
O2 BMA B . -22.80 -10.25 -17.22
O3 BMA B . -24.27 -9.10 -19.23
O4 BMA B . -27.02 -9.98 -18.67
O5 BMA B . -25.29 -10.66 -15.53
O6 BMA B . -27.18 -12.66 -16.86
C1 NAG C . -7.79 -21.18 -6.35
C2 NAG C . -7.25 -22.05 -7.49
C3 NAG C . -6.26 -21.32 -8.42
C4 NAG C . -6.67 -19.87 -8.75
C5 NAG C . -7.22 -19.16 -7.51
C6 NAG C . -7.77 -17.76 -7.79
C7 NAG C . -7.38 -24.40 -6.83
C8 NAG C . -6.91 -25.42 -5.83
N2 NAG C . -6.66 -23.28 -6.95
O3 NAG C . -6.09 -22.06 -9.61
O4 NAG C . -5.54 -19.17 -9.24
O5 NAG C . -8.24 -19.95 -6.89
O6 NAG C . -8.95 -17.82 -8.54
O7 NAG C . -8.41 -24.60 -7.48
C1 NAG C . -5.75 -18.63 -10.57
C2 NAG C . -4.60 -17.67 -10.97
C3 NAG C . -4.85 -17.09 -12.36
C4 NAG C . -5.21 -18.18 -13.40
C5 NAG C . -6.24 -19.19 -12.86
C6 NAG C . -6.38 -20.39 -13.79
C7 NAG C . -3.29 -16.40 -9.27
C8 NAG C . -3.19 -15.11 -8.50
N2 NAG C . -4.41 -16.60 -9.99
O3 NAG C . -3.71 -16.37 -12.80
O4 NAG C . -5.71 -17.57 -14.57
O5 NAG C . -5.88 -19.64 -11.56
O6 NAG C . -7.34 -21.28 -13.28
O7 NAG C . -2.36 -17.21 -9.22
C1 BMA C . -4.89 -17.87 -15.72
C2 BMA C . -5.64 -17.46 -17.00
C3 BMA C . -4.77 -17.66 -18.26
C4 BMA C . -3.34 -17.11 -18.06
C5 BMA C . -2.78 -17.66 -16.75
C6 BMA C . -1.33 -17.27 -16.46
O2 BMA C . -6.07 -16.11 -16.91
O3 BMA C . -5.39 -17.10 -19.40
O4 BMA C . -2.53 -17.46 -19.17
O5 BMA C . -3.61 -17.27 -15.67
O6 BMA C . -1.08 -17.73 -15.14
C1 MAN C . 0.26 -17.48 -14.67
C2 MAN C . 0.39 -18.11 -13.27
C3 MAN C . -0.40 -17.30 -12.25
C4 MAN C . 0.10 -15.86 -12.24
C5 MAN C . -0.02 -15.29 -13.66
C6 MAN C . 0.52 -13.87 -13.80
O2 MAN C . 1.75 -18.09 -12.90
O3 MAN C . -0.31 -17.85 -10.96
O4 MAN C . -0.65 -15.12 -11.31
O5 MAN C . 0.66 -16.12 -14.61
O6 MAN C . 0.37 -13.46 -15.14
C1 NAG C . 2.45 -19.30 -13.26
C2 NAG C . 3.96 -19.00 -13.16
C3 NAG C . 4.78 -20.25 -13.43
C4 NAG C . 4.30 -21.43 -12.57
C5 NAG C . 2.78 -21.63 -12.68
C6 NAG C . 2.24 -22.68 -11.71
C7 NAG C . 4.45 -16.61 -13.59
C8 NAG C . 4.48 -15.55 -14.65
N2 NAG C . 4.33 -17.88 -14.03
O3 NAG C . 6.13 -19.99 -13.15
O4 NAG C . 4.98 -22.60 -12.94
O5 NAG C . 2.08 -20.40 -12.44
O6 NAG C . 2.68 -22.43 -10.39
O7 NAG C . 4.52 -16.31 -12.40
C1 NAG D . 14.62 -14.56 24.09
C2 NAG D . 15.15 -13.31 24.79
C3 NAG D . 14.07 -12.56 25.59
C4 NAG D . 12.72 -12.48 24.86
C5 NAG D . 12.37 -13.84 24.22
C6 NAG D . 11.07 -13.85 23.40
C7 NAG D . 17.45 -12.99 25.56
C8 NAG D . 18.51 -13.36 26.55
N2 NAG D . 16.28 -13.63 25.66
O3 NAG D . 14.65 -11.29 25.90
O4 NAG D . 11.68 -12.08 25.74
O5 NAG D . 13.44 -14.25 23.38
O6 NAG D . 11.18 -12.97 22.30
O7 NAG D . 17.67 -12.13 24.70
C1 NAG D . 10.88 -10.97 25.26
C2 NAG D . 9.54 -10.90 26.00
C3 NAG D . 8.68 -9.77 25.44
C4 NAG D . 9.45 -8.44 25.41
C5 NAG D . 10.83 -8.63 24.75
C6 NAG D . 11.67 -7.37 24.85
C7 NAG D . 8.56 -12.93 26.96
C8 NAG D . 7.13 -13.35 27.14
N2 NAG D . 8.82 -12.17 25.90
O3 NAG D . 7.50 -9.63 26.22
O4 NAG D . 8.70 -7.49 24.67
O5 NAG D . 11.54 -9.71 25.34
O6 NAG D . 12.85 -7.57 24.09
O7 NAG D . 9.43 -13.30 27.77
C1 BMA D . 8.25 -6.37 25.49
C2 BMA D . 8.12 -5.15 24.59
C3 BMA D . 7.73 -3.95 25.44
C4 BMA D . 6.44 -4.23 26.23
C5 BMA D . 6.48 -5.58 26.97
C6 BMA D . 5.06 -5.96 27.41
O2 BMA D . 7.10 -5.41 23.64
O3 BMA D . 7.56 -2.81 24.62
O4 BMA D . 6.19 -3.19 27.16
O5 BMA D . 7.03 -6.63 26.18
O6 BMA D . 5.09 -7.15 28.17
C1 XYP D . 7.59 -5.49 22.28
C2 XYP D . 6.62 -6.37 21.52
C3 XYP D . 6.95 -6.41 20.03
C4 XYP D . 7.11 -4.99 19.50
C5 XYP D . 8.13 -4.23 20.34
O2 XYP D . 6.63 -7.68 22.06
O3 XYP D . 5.92 -7.09 19.33
O4 XYP D . 7.52 -5.02 18.16
O5 XYP D . 7.71 -4.25 21.69
C1 FUL D . 14.05 -10.60 27.02
C2 FUL D . 14.92 -9.52 27.62
O2 FUL D . 15.62 -8.84 26.62
C3 FUL D . 13.99 -8.55 28.37
O3 FUL D . 14.80 -7.71 29.16
C4 FUL D . 12.94 -9.28 29.24
O4 FUL D . 13.44 -9.47 30.55
C5 FUL D . 12.45 -10.63 28.65
C6 FUL D . 11.70 -11.53 29.64
O5 FUL D . 13.53 -11.36 28.10
C2 BGC E . -6.83 1.25 -6.23
C3 BGC E . -6.27 2.27 -5.25
C4 BGC E . -5.19 3.12 -5.92
C5 BGC E . -5.74 3.76 -7.20
C6 BGC E . -4.65 4.54 -7.94
C1 BGC E . -7.27 1.94 -7.52
O1 BGC E . -7.72 0.95 -8.43
O2 BGC E . -7.98 0.65 -5.70
O3 BGC E . -5.72 1.62 -4.13
O4 BGC E . -4.71 4.11 -5.03
O5 BGC E . -6.24 2.74 -8.07
O6 BGC E . -3.87 3.66 -8.71
C1 GOL F . -5.47 0.09 -10.56
C1 GOL F . -5.03 -1.28 -14.59
O1 GOL F . -5.50 0.72 -9.30
O1 GOL F . -6.32 -1.02 -15.09
C2 GOL F . -5.45 1.20 -11.59
C2 GOL F . -3.98 -0.42 -15.28
O2 GOL F . -5.91 0.67 -12.81
O2 GOL F . -3.46 -1.16 -16.36
C3 GOL F . -4.03 1.74 -11.76
C3 GOL F . -2.85 -0.12 -14.30
O3 GOL F . -3.38 1.90 -10.52
O3 GOL F . -2.48 1.24 -14.38
C1 GOL G . 16.55 -3.49 16.39
O1 GOL G . 16.89 -4.00 15.11
C2 GOL G . 15.68 -4.51 17.11
O2 GOL G . 16.41 -5.71 17.26
C3 GOL G . 15.33 -3.97 18.48
O3 GOL G . 13.92 -3.84 18.60
C1 GOL H . -13.35 30.15 -19.63
O1 GOL H . -13.74 30.98 -18.55
C2 GOL H . -12.06 29.40 -19.39
O2 GOL H . -11.67 28.58 -20.44
C3 GOL H . -10.95 30.33 -18.99
O3 GOL H . -10.97 30.32 -17.59
C1 GOL I . -12.79 35.69 -13.17
O1 GOL I . -13.88 34.94 -13.63
C2 GOL I . -12.98 36.04 -11.69
O2 GOL I . -14.23 35.64 -11.20
C3 GOL I . -12.82 37.53 -11.50
O3 GOL I . -11.60 37.92 -12.10
C1 GOL J . -0.53 -6.82 20.68
O1 GOL J . -1.41 -6.32 19.69
C2 GOL J . -0.80 -8.31 20.95
O2 GOL J . 0.23 -9.10 20.42
C3 GOL J . -2.16 -8.74 20.39
O3 GOL J . -1.99 -9.72 19.40
C1 GOL K . -13.60 21.16 -23.48
O1 GOL K . -14.33 20.88 -24.65
C2 GOL K . -13.99 20.11 -22.46
O2 GOL K . -14.96 20.70 -21.61
C3 GOL K . -12.73 19.70 -21.70
O3 GOL K . -11.65 19.36 -22.56
S SO4 L . -24.88 28.56 -5.63
O1 SO4 L . -24.55 29.99 -5.73
O2 SO4 L . -24.78 27.99 -6.99
O3 SO4 L . -23.97 27.93 -4.68
O4 SO4 L . -26.26 28.42 -5.13
#